data_9MDX
# 
_entry.id   9MDX 
# 
_audit_conform.dict_name       mmcif_pdbx.dic 
_audit_conform.dict_version    5.403 
_audit_conform.dict_location   http://mmcif.pdb.org/dictionaries/ascii/mmcif_pdbx.dic 
# 
loop_
_database_2.database_id 
_database_2.database_code 
_database_2.pdbx_database_accession 
_database_2.pdbx_DOI 
PDB   9MDX         pdb_00009mdx 10.2210/pdb9mdx/pdb 
WWPDB D_1000290713 ?            ?                   
# 
loop_
_pdbx_audit_revision_history.ordinal 
_pdbx_audit_revision_history.data_content_type 
_pdbx_audit_revision_history.major_revision 
_pdbx_audit_revision_history.minor_revision 
_pdbx_audit_revision_history.revision_date 
_pdbx_audit_revision_history.part_number 
1 'Structure model' 1 0 2025-05-14 ? 
2 'Structure model' 1 1 2025-05-28 ? 
# 
_pdbx_audit_revision_details.ordinal             1 
_pdbx_audit_revision_details.revision_ordinal    1 
_pdbx_audit_revision_details.data_content_type   'Structure model' 
_pdbx_audit_revision_details.provider            repository 
_pdbx_audit_revision_details.type                'Initial release' 
_pdbx_audit_revision_details.description         ? 
_pdbx_audit_revision_details.details             ? 
# 
_pdbx_audit_revision_group.ordinal             1 
_pdbx_audit_revision_group.revision_ordinal    2 
_pdbx_audit_revision_group.data_content_type   'Structure model' 
_pdbx_audit_revision_group.group               'Database references' 
# 
loop_
_pdbx_audit_revision_category.ordinal 
_pdbx_audit_revision_category.revision_ordinal 
_pdbx_audit_revision_category.data_content_type 
_pdbx_audit_revision_category.category 
1 2 'Structure model' citation        
2 2 'Structure model' citation_author 
# 
loop_
_pdbx_audit_revision_item.ordinal 
_pdbx_audit_revision_item.revision_ordinal 
_pdbx_audit_revision_item.data_content_type 
_pdbx_audit_revision_item.item 
1  2 'Structure model' '_citation.country'                 
2  2 'Structure model' '_citation.journal_abbrev'          
3  2 'Structure model' '_citation.journal_id_ASTM'         
4  2 'Structure model' '_citation.journal_id_CSD'          
5  2 'Structure model' '_citation.journal_id_ISSN'         
6  2 'Structure model' '_citation.journal_volume'          
7  2 'Structure model' '_citation.page_first'              
8  2 'Structure model' '_citation.page_last'               
9  2 'Structure model' '_citation.pdbx_database_id_DOI'    
10 2 'Structure model' '_citation.pdbx_database_id_PubMed' 
11 2 'Structure model' '_citation.title'                   
12 2 'Structure model' '_citation.year'                    
# 
_pdbx_database_status.status_code                     REL 
_pdbx_database_status.status_code_sf                  REL 
_pdbx_database_status.status_code_mr                  ? 
_pdbx_database_status.entry_id                        9MDX 
_pdbx_database_status.recvd_initial_deposition_date   2024-12-05 
_pdbx_database_status.SG_entry                        N 
_pdbx_database_status.deposit_site                    RCSB 
_pdbx_database_status.process_site                    RCSB 
_pdbx_database_status.status_code_cs                  ? 
_pdbx_database_status.status_code_nmr_data            ? 
_pdbx_database_status.methods_development_category    ? 
_pdbx_database_status.pdb_format_compatible           Y 
# 
_pdbx_contact_author.id                 2 
_pdbx_contact_author.email              jwszostak@uchicago.edu 
_pdbx_contact_author.name_first         Jack 
_pdbx_contact_author.name_last          Szostak 
_pdbx_contact_author.name_mi            W. 
_pdbx_contact_author.role               'principal investigator/group leader' 
_pdbx_contact_author.identifier_ORCID   0000-0003-4131-1203 
# 
loop_
_audit_author.name 
_audit_author.pdbx_ordinal 
_audit_author.identifier_ORCID 
'Fang, Z.'      1 0000-0001-8679-6633 
'Jia, X.'       2 0000-0001-9094-9882 
'Szostak, J.W.' 3 0000-0003-4131-1203 
# 
_citation.abstract                  ? 
_citation.abstract_id_CAS           ? 
_citation.book_id_ISBN              ? 
_citation.book_publisher            ? 
_citation.book_publisher_city       ? 
_citation.book_title                ? 
_citation.coordinate_linkage        ? 
_citation.country                   US 
_citation.database_id_Medline       ? 
_citation.details                   ? 
_citation.id                        primary 
_citation.journal_abbrev            Proc.Natl.Acad.Sci.USA 
_citation.journal_id_ASTM           PNASA6 
_citation.journal_id_CSD            0040 
_citation.journal_id_ISSN           1091-6490 
_citation.journal_full              ? 
_citation.journal_issue             ? 
_citation.journal_volume            122 
_citation.language                  ? 
_citation.page_first                e2505720122 
_citation.page_last                 e2505720122 
_citation.title                     'Nonenzymatic RNA copying with a potentially primordial genetic alphabet.' 
_citation.year                      2025 
_citation.database_id_CSD           ? 
_citation.pdbx_database_id_DOI      10.1073/pnas.2505720122 
_citation.pdbx_database_id_PubMed   40397670 
_citation.pdbx_database_id_patent   ? 
_citation.unpublished_flag          ? 
# 
loop_
_citation_author.citation_id 
_citation_author.name 
_citation_author.ordinal 
_citation_author.identifier_ORCID 
primary 'Fang, Z.'      1 0000-0001-8679-6633 
primary 'Jia, X.'       2 0000-0001-9094-9882 
primary 'Xing, Y.'      3 0000-0002-4549-8370 
primary 'Szostak, J.W.' 4 0000-0003-4131-1203 
# 
loop_
_entity.id 
_entity.type 
_entity.src_method 
_entity.pdbx_description 
_entity.formula_weight 
_entity.pdbx_number_of_molecules 
_entity.pdbx_ec 
_entity.pdbx_mutation 
_entity.pdbx_fragment 
_entity.details 
1 polymer syn 'RNA strand with s(2)U:A pair sequence 1' 5099.129 1  ? ? ? ? 
2 water   nat water                                     18.015   78 ? ? ? ? 
# 
_entity_poly.entity_id                      1 
_entity_poly.type                           polyribonucleotide 
_entity_poly.nstd_linkage                   no 
_entity_poly.nstd_monomer                   yes 
_entity_poly.pdbx_seq_one_letter_code       'AGAGAAGAUCU(SUR)CUCU' 
_entity_poly.pdbx_seq_one_letter_code_can   AGAGAAGAUCUUCUCU 
_entity_poly.pdbx_strand_id                 A 
_entity_poly.pdbx_target_identifier         ? 
# 
_pdbx_entity_nonpoly.entity_id   2 
_pdbx_entity_nonpoly.name        water 
_pdbx_entity_nonpoly.comp_id     HOH 
# 
loop_
_entity_poly_seq.entity_id 
_entity_poly_seq.num 
_entity_poly_seq.mon_id 
_entity_poly_seq.hetero 
1 1  A   n 
1 2  G   n 
1 3  A   n 
1 4  G   n 
1 5  A   n 
1 6  A   n 
1 7  G   n 
1 8  A   n 
1 9  U   n 
1 10 C   n 
1 11 U   n 
1 12 SUR n 
1 13 C   n 
1 14 U   n 
1 15 C   n 
1 16 U   n 
# 
_pdbx_entity_src_syn.entity_id              1 
_pdbx_entity_src_syn.pdbx_src_id            1 
_pdbx_entity_src_syn.pdbx_alt_source_flag   sample 
_pdbx_entity_src_syn.pdbx_beg_seq_num       1 
_pdbx_entity_src_syn.pdbx_end_seq_num       16 
_pdbx_entity_src_syn.organism_scientific    'synthetic construct' 
_pdbx_entity_src_syn.organism_common_name   ? 
_pdbx_entity_src_syn.ncbi_taxonomy_id       32630 
_pdbx_entity_src_syn.details                ? 
# 
loop_
_chem_comp.id 
_chem_comp.type 
_chem_comp.mon_nstd_flag 
_chem_comp.name 
_chem_comp.pdbx_synonyms 
_chem_comp.formula 
_chem_comp.formula_weight 
A   'RNA linking' y "ADENOSINE-5'-MONOPHOSPHATE"                          ? 'C10 H14 N5 O7 P'  347.221 
C   'RNA linking' y "CYTIDINE-5'-MONOPHOSPHATE"                           ? 'C9 H14 N3 O8 P'   323.197 
G   'RNA linking' y "GUANOSINE-5'-MONOPHOSPHATE"                          ? 'C10 H14 N5 O8 P'  363.221 
HOH non-polymer   . WATER                                                 ? 'H2 O'             18.015  
SUR 'RNA linking' n "1-(BETA-D-RIBOFURANOSYL)-2-THIO-URACIL-5'-PHOSPHATE" ? 'C9 H13 N2 O8 P S' 340.247 
U   'RNA linking' y "URIDINE-5'-MONOPHOSPHATE"                            ? 'C9 H13 N2 O9 P'   324.181 
# 
loop_
_pdbx_poly_seq_scheme.asym_id 
_pdbx_poly_seq_scheme.entity_id 
_pdbx_poly_seq_scheme.seq_id 
_pdbx_poly_seq_scheme.mon_id 
_pdbx_poly_seq_scheme.ndb_seq_num 
_pdbx_poly_seq_scheme.pdb_seq_num 
_pdbx_poly_seq_scheme.auth_seq_num 
_pdbx_poly_seq_scheme.pdb_mon_id 
_pdbx_poly_seq_scheme.auth_mon_id 
_pdbx_poly_seq_scheme.pdb_strand_id 
_pdbx_poly_seq_scheme.pdb_ins_code 
_pdbx_poly_seq_scheme.hetero 
A 1 1  A   1  1  1  A   A   A . n 
A 1 2  G   2  2  2  G   G   A . n 
A 1 3  A   3  3  3  A   A   A . n 
A 1 4  G   4  4  4  G   G   A . n 
A 1 5  A   5  5  5  A   A   A . n 
A 1 6  A   6  6  6  A   A   A . n 
A 1 7  G   7  7  7  G   G   A . n 
A 1 8  A   8  8  8  A   A   A . n 
A 1 9  U   9  9  9  U   U   A . n 
A 1 10 C   10 10 10 C   C   A . n 
A 1 11 U   11 11 11 U   U   A . n 
A 1 12 SUR 12 12 12 SUR SUR A . n 
A 1 13 C   13 13 13 C   C   A . n 
A 1 14 U   14 14 14 U   U   A . n 
A 1 15 C   15 15 15 C   C   A . n 
A 1 16 U   16 16 16 U   U   A . n 
# 
_pdbx_entity_instance_feature.ordinal        1 
_pdbx_entity_instance_feature.comp_id        SUR 
_pdbx_entity_instance_feature.asym_id        ? 
_pdbx_entity_instance_feature.seq_num        ? 
_pdbx_entity_instance_feature.auth_comp_id   SUR 
_pdbx_entity_instance_feature.auth_asym_id   ? 
_pdbx_entity_instance_feature.auth_seq_num   ? 
_pdbx_entity_instance_feature.feature_type   'SUBJECT OF INVESTIGATION' 
_pdbx_entity_instance_feature.details        ? 
# 
loop_
_pdbx_nonpoly_scheme.asym_id 
_pdbx_nonpoly_scheme.entity_id 
_pdbx_nonpoly_scheme.mon_id 
_pdbx_nonpoly_scheme.ndb_seq_num 
_pdbx_nonpoly_scheme.pdb_seq_num 
_pdbx_nonpoly_scheme.auth_seq_num 
_pdbx_nonpoly_scheme.pdb_mon_id 
_pdbx_nonpoly_scheme.auth_mon_id 
_pdbx_nonpoly_scheme.pdb_strand_id 
_pdbx_nonpoly_scheme.pdb_ins_code 
B 2 HOH 1  101 57 HOH HOH A . 
B 2 HOH 2  102 79 HOH HOH A . 
B 2 HOH 3  103 70 HOH HOH A . 
B 2 HOH 4  104 64 HOH HOH A . 
B 2 HOH 5  105 66 HOH HOH A . 
B 2 HOH 6  106 21 HOH HOH A . 
B 2 HOH 7  107 34 HOH HOH A . 
B 2 HOH 8  108 45 HOH HOH A . 
B 2 HOH 9  109 49 HOH HOH A . 
B 2 HOH 10 110 63 HOH HOH A . 
B 2 HOH 11 111 51 HOH HOH A . 
B 2 HOH 12 112 36 HOH HOH A . 
B 2 HOH 13 113 9  HOH HOH A . 
B 2 HOH 14 114 13 HOH HOH A . 
B 2 HOH 15 115 61 HOH HOH A . 
B 2 HOH 16 116 53 HOH HOH A . 
B 2 HOH 17 117 23 HOH HOH A . 
B 2 HOH 18 118 14 HOH HOH A . 
B 2 HOH 19 119 2  HOH HOH A . 
B 2 HOH 20 120 15 HOH HOH A . 
B 2 HOH 21 121 24 HOH HOH A . 
B 2 HOH 22 122 46 HOH HOH A . 
B 2 HOH 23 123 37 HOH HOH A . 
B 2 HOH 24 124 54 HOH HOH A . 
B 2 HOH 25 125 72 HOH HOH A . 
B 2 HOH 26 126 1  HOH HOH A . 
B 2 HOH 27 127 55 HOH HOH A . 
B 2 HOH 28 128 33 HOH HOH A . 
B 2 HOH 29 129 7  HOH HOH A . 
B 2 HOH 30 130 56 HOH HOH A . 
B 2 HOH 31 131 76 HOH HOH A . 
B 2 HOH 32 132 69 HOH HOH A . 
B 2 HOH 33 133 20 HOH HOH A . 
B 2 HOH 34 134 58 HOH HOH A . 
B 2 HOH 35 135 8  HOH HOH A . 
B 2 HOH 36 136 39 HOH HOH A . 
B 2 HOH 37 137 71 HOH HOH A . 
B 2 HOH 38 138 50 HOH HOH A . 
B 2 HOH 39 139 28 HOH HOH A . 
B 2 HOH 40 140 73 HOH HOH A . 
B 2 HOH 41 141 42 HOH HOH A . 
B 2 HOH 42 142 38 HOH HOH A . 
B 2 HOH 43 143 25 HOH HOH A . 
B 2 HOH 44 144 11 HOH HOH A . 
B 2 HOH 45 145 26 HOH HOH A . 
B 2 HOH 46 146 35 HOH HOH A . 
B 2 HOH 47 147 6  HOH HOH A . 
B 2 HOH 48 148 78 HOH HOH A . 
B 2 HOH 49 149 17 HOH HOH A . 
B 2 HOH 50 150 31 HOH HOH A . 
B 2 HOH 51 151 74 HOH HOH A . 
B 2 HOH 52 152 19 HOH HOH A . 
B 2 HOH 53 153 48 HOH HOH A . 
B 2 HOH 54 154 29 HOH HOH A . 
B 2 HOH 55 155 22 HOH HOH A . 
B 2 HOH 56 156 4  HOH HOH A . 
B 2 HOH 57 157 62 HOH HOH A . 
B 2 HOH 58 158 32 HOH HOH A . 
B 2 HOH 59 159 68 HOH HOH A . 
B 2 HOH 60 160 27 HOH HOH A . 
B 2 HOH 61 161 30 HOH HOH A . 
B 2 HOH 62 162 60 HOH HOH A . 
B 2 HOH 63 163 5  HOH HOH A . 
B 2 HOH 64 164 18 HOH HOH A . 
B 2 HOH 65 165 41 HOH HOH A . 
B 2 HOH 66 166 10 HOH HOH A . 
B 2 HOH 67 167 67 HOH HOH A . 
B 2 HOH 68 168 47 HOH HOH A . 
B 2 HOH 69 169 16 HOH HOH A . 
B 2 HOH 70 170 52 HOH HOH A . 
B 2 HOH 71 171 40 HOH HOH A . 
B 2 HOH 72 172 77 HOH HOH A . 
B 2 HOH 73 173 65 HOH HOH A . 
B 2 HOH 74 174 75 HOH HOH A . 
B 2 HOH 75 175 44 HOH HOH A . 
B 2 HOH 76 176 43 HOH HOH A . 
B 2 HOH 77 177 12 HOH HOH A . 
B 2 HOH 78 178 3  HOH HOH A . 
# 
loop_
_software.citation_id 
_software.classification 
_software.compiler_name 
_software.compiler_version 
_software.contact_author 
_software.contact_author_email 
_software.date 
_software.description 
_software.dependencies 
_software.hardware 
_software.language 
_software.location 
_software.mods 
_software.name 
_software.os 
_software.os_version 
_software.type 
_software.version 
_software.pdbx_ordinal 
? refinement       ? ? ? ? ? ? ? ? ? ? ? REFMAC   ? ? ? 5.8.0425    1 
? refinement       ? ? ? ? ? ? ? ? ? ? ? PHENIX   ? ? ? 1.18.2_3874 2 
? 'data reduction' ? ? ? ? ? ? ? ? ? ? ? HKL-2000 ? ? ? .           3 
? 'data scaling'   ? ? ? ? ? ? ? ? ? ? ? HKL-2000 ? ? ? .           4 
? phasing          ? ? ? ? ? ? ? ? ? ? ? PHASER   ? ? ? .           5 
# 
_cell.angle_alpha                  90.000 
_cell.angle_alpha_esd              ? 
_cell.angle_beta                   90.000 
_cell.angle_beta_esd               ? 
_cell.angle_gamma                  120.000 
_cell.angle_gamma_esd              ? 
_cell.entry_id                     9MDX 
_cell.details                      ? 
_cell.formula_units_Z              ? 
_cell.length_a                     41.381 
_cell.length_a_esd                 ? 
_cell.length_b                     41.381 
_cell.length_b_esd                 ? 
_cell.length_c                     124.071 
_cell.length_c_esd                 ? 
_cell.volume                       183993.668 
_cell.volume_esd                   ? 
_cell.Z_PDB                        18 
_cell.reciprocal_angle_alpha       ? 
_cell.reciprocal_angle_beta        ? 
_cell.reciprocal_angle_gamma       ? 
_cell.reciprocal_angle_alpha_esd   ? 
_cell.reciprocal_angle_beta_esd    ? 
_cell.reciprocal_angle_gamma_esd   ? 
_cell.reciprocal_length_a          ? 
_cell.reciprocal_length_b          ? 
_cell.reciprocal_length_c          ? 
_cell.reciprocal_length_a_esd      ? 
_cell.reciprocal_length_b_esd      ? 
_cell.reciprocal_length_c_esd      ? 
_cell.pdbx_unique_axis             ? 
_cell.pdbx_esd_method              ? 
# 
_symmetry.entry_id                         9MDX 
_symmetry.cell_setting                     ? 
_symmetry.Int_Tables_number                155 
_symmetry.space_group_name_Hall            
;R 3 2"
;
_symmetry.space_group_name_H-M             'H 3 2' 
_symmetry.pdbx_full_space_group_name_H-M   ? 
# 
_exptl.absorpt_coefficient_mu     ? 
_exptl.absorpt_correction_T_max   ? 
_exptl.absorpt_correction_T_min   ? 
_exptl.absorpt_correction_type    ? 
_exptl.absorpt_process_details    ? 
_exptl.entry_id                   9MDX 
_exptl.crystals_number            1 
_exptl.details                    ? 
_exptl.method                     'X-RAY DIFFRACTION' 
_exptl.method_details             ? 
# 
_exptl_crystal.colour                       ? 
_exptl_crystal.density_diffrn               ? 
_exptl_crystal.density_Matthews             2.00 
_exptl_crystal.density_method               ? 
_exptl_crystal.density_percent_sol          38.64 
_exptl_crystal.description                  ? 
_exptl_crystal.F_000                        ? 
_exptl_crystal.id                           1 
_exptl_crystal.preparation                  ? 
_exptl_crystal.size_max                     ? 
_exptl_crystal.size_mid                     ? 
_exptl_crystal.size_min                     ? 
_exptl_crystal.size_rad                     ? 
_exptl_crystal.colour_lustre                ? 
_exptl_crystal.colour_modifier              ? 
_exptl_crystal.colour_primary               ? 
_exptl_crystal.density_meas                 ? 
_exptl_crystal.density_meas_esd             ? 
_exptl_crystal.density_meas_gt              ? 
_exptl_crystal.density_meas_lt              ? 
_exptl_crystal.density_meas_temp            ? 
_exptl_crystal.density_meas_temp_esd        ? 
_exptl_crystal.density_meas_temp_gt         ? 
_exptl_crystal.density_meas_temp_lt         ? 
_exptl_crystal.pdbx_crystal_image_url       ? 
_exptl_crystal.pdbx_crystal_image_format    ? 
_exptl_crystal.pdbx_mosaicity               ? 
_exptl_crystal.pdbx_mosaicity_esd           ? 
_exptl_crystal.pdbx_mosaic_method           ? 
_exptl_crystal.pdbx_mosaic_block_size       ? 
_exptl_crystal.pdbx_mosaic_block_size_esd   ? 
# 
_exptl_crystal_grow.apparatus       ? 
_exptl_crystal_grow.atmosphere      ? 
_exptl_crystal_grow.crystal_id      1 
_exptl_crystal_grow.details         ? 
_exptl_crystal_grow.method          'VAPOR DIFFUSION, SITTING DROP' 
_exptl_crystal_grow.method_ref      ? 
_exptl_crystal_grow.pH              7.0 
_exptl_crystal_grow.pressure        ? 
_exptl_crystal_grow.pressure_esd    ? 
_exptl_crystal_grow.seeding         ? 
_exptl_crystal_grow.seeding_ref     ? 
_exptl_crystal_grow.temp_details    ? 
_exptl_crystal_grow.temp_esd        ? 
_exptl_crystal_grow.time            ? 
_exptl_crystal_grow.pdbx_details    '2.4 M Sodium malonate pH 7.0' 
_exptl_crystal_grow.pdbx_pH_range   ? 
_exptl_crystal_grow.temp            298 
# 
_diffrn.ambient_environment              ? 
_diffrn.ambient_temp                     99 
_diffrn.ambient_temp_details             ? 
_diffrn.ambient_temp_esd                 ? 
_diffrn.crystal_id                       1 
_diffrn.crystal_support                  ? 
_diffrn.crystal_treatment                ? 
_diffrn.details                          ? 
_diffrn.id                               1 
_diffrn.ambient_pressure                 ? 
_diffrn.ambient_pressure_esd             ? 
_diffrn.ambient_pressure_gt              ? 
_diffrn.ambient_pressure_lt              ? 
_diffrn.ambient_temp_gt                  ? 
_diffrn.ambient_temp_lt                  ? 
_diffrn.pdbx_serial_crystal_experiment   N 
# 
_diffrn_detector.details                      ? 
_diffrn_detector.detector                     PIXEL 
_diffrn_detector.diffrn_id                    1 
_diffrn_detector.type                         'DECTRIS PILATUS3 2M' 
_diffrn_detector.area_resol_mean              ? 
_diffrn_detector.dtime                        ? 
_diffrn_detector.pdbx_frames_total            ? 
_diffrn_detector.pdbx_collection_time_total   ? 
_diffrn_detector.pdbx_collection_date         2024-10-30 
_diffrn_detector.pdbx_frequency               ? 
_diffrn_detector.id                           ? 
_diffrn_detector.number_of_axes               ? 
# 
_diffrn_radiation.collimation                      ? 
_diffrn_radiation.diffrn_id                        1 
_diffrn_radiation.filter_edge                      ? 
_diffrn_radiation.inhomogeneity                    ? 
_diffrn_radiation.monochromator                    ? 
_diffrn_radiation.polarisn_norm                    ? 
_diffrn_radiation.polarisn_ratio                   ? 
_diffrn_radiation.probe                            ? 
_diffrn_radiation.type                             ? 
_diffrn_radiation.xray_symbol                      ? 
_diffrn_radiation.wavelength_id                    1 
_diffrn_radiation.pdbx_monochromatic_or_laue_m_l   M 
_diffrn_radiation.pdbx_wavelength_list             ? 
_diffrn_radiation.pdbx_wavelength                  ? 
_diffrn_radiation.pdbx_diffrn_protocol             'SINGLE WAVELENGTH' 
_diffrn_radiation.pdbx_analyzer                    ? 
_diffrn_radiation.pdbx_scattering_type             x-ray 
# 
_diffrn_radiation_wavelength.id           1 
_diffrn_radiation_wavelength.wavelength   0.97741 
_diffrn_radiation_wavelength.wt           1.0 
# 
_diffrn_source.current                     ? 
_diffrn_source.details                     ? 
_diffrn_source.diffrn_id                   1 
_diffrn_source.power                       ? 
_diffrn_source.size                        ? 
_diffrn_source.source                      SYNCHROTRON 
_diffrn_source.target                      ? 
_diffrn_source.type                        'ALS BEAMLINE 5.0.1' 
_diffrn_source.voltage                     ? 
_diffrn_source.take-off_angle              ? 
_diffrn_source.pdbx_wavelength_list        0.97741 
_diffrn_source.pdbx_wavelength             ? 
_diffrn_source.pdbx_synchrotron_beamline   5.0.1 
_diffrn_source.pdbx_synchrotron_site       ALS 
# 
_reflns.B_iso_Wilson_estimate                          ? 
_reflns.entry_id                                       9MDX 
_reflns.data_reduction_details                         ? 
_reflns.data_reduction_method                          ? 
_reflns.d_resolution_high                              1.499 
_reflns.d_resolution_low                               50 
_reflns.details                                        ? 
_reflns.limit_h_max                                    ? 
_reflns.limit_h_min                                    ? 
_reflns.limit_k_max                                    ? 
_reflns.limit_k_min                                    ? 
_reflns.limit_l_max                                    ? 
_reflns.limit_l_min                                    ? 
_reflns.number_all                                     ? 
_reflns.number_obs                                     6663 
_reflns.observed_criterion                             ? 
_reflns.observed_criterion_F_max                       ? 
_reflns.observed_criterion_F_min                       ? 
_reflns.observed_criterion_I_max                       ? 
_reflns.observed_criterion_I_min                       ? 
_reflns.observed_criterion_sigma_F                     ? 
_reflns.observed_criterion_sigma_I                     ? 
_reflns.percent_possible_obs                           96.6 
_reflns.R_free_details                                 ? 
_reflns.Rmerge_F_all                                   ? 
_reflns.Rmerge_F_obs                                   ? 
_reflns.Friedel_coverage                               ? 
_reflns.number_gt                                      ? 
_reflns.threshold_expression                           ? 
_reflns.pdbx_redundancy                                9.5 
_reflns.pdbx_netI_over_av_sigmaI                       ? 
_reflns.pdbx_netI_over_sigmaI                          34.6 
_reflns.pdbx_res_netI_over_av_sigmaI_2                 ? 
_reflns.pdbx_res_netI_over_sigmaI_2                    ? 
_reflns.pdbx_chi_squared                               0.971 
_reflns.pdbx_scaling_rejects                           ? 
_reflns.pdbx_d_res_high_opt                            ? 
_reflns.pdbx_d_res_low_opt                             ? 
_reflns.pdbx_d_res_opt_method                          ? 
_reflns.phase_calculation_details                      ? 
_reflns.pdbx_Rrim_I_all                                0.060 
_reflns.pdbx_Rpim_I_all                                0.020 
_reflns.pdbx_d_opt                                     ? 
_reflns.pdbx_number_measured_all                       ? 
_reflns.pdbx_diffrn_id                                 1 
_reflns.pdbx_ordinal                                   1 
_reflns.pdbx_CC_half                                   1.0 
_reflns.pdbx_CC_star                                   1.0 
_reflns.pdbx_R_split                                   ? 
_reflns.pdbx_Rmerge_I_obs                              0.057 
_reflns.pdbx_Rmerge_I_all                              ? 
_reflns.pdbx_Rsym_value                                ? 
_reflns.pdbx_CC_split_method                           ? 
_reflns.pdbx_aniso_diffraction_limit_axis_1_ortho[1]   ? 
_reflns.pdbx_aniso_diffraction_limit_axis_1_ortho[2]   ? 
_reflns.pdbx_aniso_diffraction_limit_axis_1_ortho[3]   ? 
_reflns.pdbx_aniso_diffraction_limit_axis_2_ortho[1]   ? 
_reflns.pdbx_aniso_diffraction_limit_axis_2_ortho[2]   ? 
_reflns.pdbx_aniso_diffraction_limit_axis_2_ortho[3]   ? 
_reflns.pdbx_aniso_diffraction_limit_axis_3_ortho[1]   ? 
_reflns.pdbx_aniso_diffraction_limit_axis_3_ortho[2]   ? 
_reflns.pdbx_aniso_diffraction_limit_axis_3_ortho[3]   ? 
_reflns.pdbx_aniso_diffraction_limit_1                 ? 
_reflns.pdbx_aniso_diffraction_limit_2                 ? 
_reflns.pdbx_aniso_diffraction_limit_3                 ? 
_reflns.pdbx_aniso_B_tensor_eigenvector_1_ortho[1]     ? 
_reflns.pdbx_aniso_B_tensor_eigenvector_1_ortho[2]     ? 
_reflns.pdbx_aniso_B_tensor_eigenvector_1_ortho[3]     ? 
_reflns.pdbx_aniso_B_tensor_eigenvector_2_ortho[1]     ? 
_reflns.pdbx_aniso_B_tensor_eigenvector_2_ortho[2]     ? 
_reflns.pdbx_aniso_B_tensor_eigenvector_2_ortho[3]     ? 
_reflns.pdbx_aniso_B_tensor_eigenvector_3_ortho[1]     ? 
_reflns.pdbx_aniso_B_tensor_eigenvector_3_ortho[2]     ? 
_reflns.pdbx_aniso_B_tensor_eigenvector_3_ortho[3]     ? 
_reflns.pdbx_aniso_B_tensor_eigenvalue_1               ? 
_reflns.pdbx_aniso_B_tensor_eigenvalue_2               ? 
_reflns.pdbx_aniso_B_tensor_eigenvalue_3               ? 
_reflns.pdbx_orthogonalization_convention              ? 
_reflns.pdbx_percent_possible_ellipsoidal              ? 
_reflns.pdbx_percent_possible_spherical                ? 
_reflns.pdbx_percent_possible_ellipsoidal_anomalous    ? 
_reflns.pdbx_percent_possible_spherical_anomalous      ? 
_reflns.pdbx_redundancy_anomalous                      ? 
_reflns.pdbx_CC_half_anomalous                         ? 
_reflns.pdbx_absDiff_over_sigma_anomalous              ? 
_reflns.pdbx_percent_possible_anomalous                ? 
_reflns.pdbx_observed_signal_threshold                 ? 
_reflns.pdbx_signal_type                               ? 
_reflns.pdbx_signal_details                            ? 
_reflns.pdbx_signal_software_id                        ? 
# 
_reflns_shell.d_res_high                                    1.50 
_reflns_shell.d_res_low                                     1.53 
_reflns_shell.meanI_over_sigI_all                           ? 
_reflns_shell.meanI_over_sigI_obs                           4.8 
_reflns_shell.number_measured_all                           ? 
_reflns_shell.number_measured_obs                           ? 
_reflns_shell.number_possible                               ? 
_reflns_shell.number_unique_all                             ? 
_reflns_shell.number_unique_obs                             323 
_reflns_shell.percent_possible_obs                          ? 
_reflns_shell.Rmerge_F_all                                  ? 
_reflns_shell.Rmerge_F_obs                                  ? 
_reflns_shell.meanI_over_sigI_gt                            ? 
_reflns_shell.meanI_over_uI_all                             ? 
_reflns_shell.meanI_over_uI_gt                              ? 
_reflns_shell.number_measured_gt                            ? 
_reflns_shell.number_unique_gt                              ? 
_reflns_shell.percent_possible_gt                           ? 
_reflns_shell.Rmerge_F_gt                                   ? 
_reflns_shell.Rmerge_I_gt                                   ? 
_reflns_shell.pdbx_redundancy                               9.5 
_reflns_shell.pdbx_chi_squared                              0.910 
_reflns_shell.pdbx_netI_over_sigmaI_all                     ? 
_reflns_shell.pdbx_netI_over_sigmaI_obs                     ? 
_reflns_shell.pdbx_Rrim_I_all                               0.500 
_reflns_shell.pdbx_Rpim_I_all                               0.159 
_reflns_shell.pdbx_rejects                                  ? 
_reflns_shell.pdbx_ordinal                                  1 
_reflns_shell.pdbx_diffrn_id                                1 
_reflns_shell.pdbx_CC_half                                  0.907 
_reflns_shell.pdbx_CC_star                                  0.975 
_reflns_shell.pdbx_R_split                                  ? 
_reflns_shell.percent_possible_all                          95.3 
_reflns_shell.Rmerge_I_all                                  ? 
_reflns_shell.Rmerge_I_obs                                  0.473 
_reflns_shell.pdbx_Rsym_value                               ? 
_reflns_shell.pdbx_percent_possible_ellipsoidal             ? 
_reflns_shell.pdbx_percent_possible_spherical               ? 
_reflns_shell.pdbx_percent_possible_ellipsoidal_anomalous   ? 
_reflns_shell.pdbx_percent_possible_spherical_anomalous     ? 
_reflns_shell.pdbx_redundancy_anomalous                     ? 
_reflns_shell.pdbx_CC_half_anomalous                        ? 
_reflns_shell.pdbx_absDiff_over_sigma_anomalous             ? 
_reflns_shell.pdbx_percent_possible_anomalous               ? 
# 
_refine.aniso_B[1][1]                            ? 
_refine.aniso_B[1][2]                            ? 
_refine.aniso_B[1][3]                            ? 
_refine.aniso_B[2][2]                            ? 
_refine.aniso_B[2][3]                            ? 
_refine.aniso_B[3][3]                            ? 
_refine.B_iso_max                                ? 
_refine.B_iso_mean                               12.90 
_refine.B_iso_min                                ? 
_refine.correlation_coeff_Fo_to_Fc               ? 
_refine.correlation_coeff_Fo_to_Fc_free          ? 
_refine.details                                  ? 
_refine.diff_density_max                         ? 
_refine.diff_density_max_esd                     ? 
_refine.diff_density_min                         ? 
_refine.diff_density_min_esd                     ? 
_refine.diff_density_rms                         ? 
_refine.diff_density_rms_esd                     ? 
_refine.entry_id                                 9MDX 
_refine.pdbx_refine_id                           'X-RAY DIFFRACTION' 
_refine.ls_abs_structure_details                 ? 
_refine.ls_abs_structure_Flack                   ? 
_refine.ls_abs_structure_Flack_esd               ? 
_refine.ls_abs_structure_Rogers                  ? 
_refine.ls_abs_structure_Rogers_esd              ? 
_refine.ls_d_res_high                            1.50 
_refine.ls_d_res_low                             34.43 
_refine.ls_extinction_coef                       ? 
_refine.ls_extinction_coef_esd                   ? 
_refine.ls_extinction_expression                 ? 
_refine.ls_extinction_method                     ? 
_refine.ls_goodness_of_fit_all                   ? 
_refine.ls_goodness_of_fit_all_esd               ? 
_refine.ls_goodness_of_fit_obs                   ? 
_refine.ls_goodness_of_fit_obs_esd               ? 
_refine.ls_hydrogen_treatment                    ? 
_refine.ls_matrix_type                           ? 
_refine.ls_number_constraints                    ? 
_refine.ls_number_parameters                     ? 
_refine.ls_number_reflns_all                     ? 
_refine.ls_number_reflns_obs                     6647 
_refine.ls_number_reflns_R_free                  338 
_refine.ls_number_reflns_R_work                  6309 
_refine.ls_number_restraints                     ? 
_refine.ls_percent_reflns_obs                    96.38 
_refine.ls_percent_reflns_R_free                 5.09 
_refine.ls_R_factor_all                          ? 
_refine.ls_R_factor_obs                          0.1904 
_refine.ls_R_factor_R_free                       0.2409 
_refine.ls_R_factor_R_free_error                 ? 
_refine.ls_R_factor_R_free_error_details         ? 
_refine.ls_R_factor_R_work                       0.1880 
_refine.ls_R_Fsqd_factor_obs                     ? 
_refine.ls_R_I_factor_obs                        ? 
_refine.ls_redundancy_reflns_all                 ? 
_refine.ls_redundancy_reflns_obs                 ? 
_refine.ls_restrained_S_all                      ? 
_refine.ls_restrained_S_obs                      ? 
_refine.ls_shift_over_esd_max                    ? 
_refine.ls_shift_over_esd_mean                   ? 
_refine.ls_structure_factor_coef                 ? 
_refine.ls_weighting_details                     ? 
_refine.ls_weighting_scheme                      ? 
_refine.ls_wR_factor_all                         ? 
_refine.ls_wR_factor_obs                         ? 
_refine.ls_wR_factor_R_free                      ? 
_refine.ls_wR_factor_R_work                      ? 
_refine.occupancy_max                            ? 
_refine.occupancy_min                            ? 
_refine.solvent_model_details                    'FLAT BULK SOLVENT MODEL' 
_refine.solvent_model_param_bsol                 ? 
_refine.solvent_model_param_ksol                 ? 
_refine.pdbx_R_complete                          ? 
_refine.ls_R_factor_gt                           ? 
_refine.ls_goodness_of_fit_gt                    ? 
_refine.ls_goodness_of_fit_ref                   ? 
_refine.ls_shift_over_su_max                     ? 
_refine.ls_shift_over_su_max_lt                  ? 
_refine.ls_shift_over_su_mean                    ? 
_refine.ls_shift_over_su_mean_lt                 ? 
_refine.pdbx_ls_sigma_I                          ? 
_refine.pdbx_ls_sigma_F                          1.39 
_refine.pdbx_ls_sigma_Fsqd                       ? 
_refine.pdbx_data_cutoff_high_absF               ? 
_refine.pdbx_data_cutoff_high_rms_absF           ? 
_refine.pdbx_data_cutoff_low_absF                ? 
_refine.pdbx_isotropic_thermal_model             ? 
_refine.pdbx_ls_cross_valid_method               'FREE R-VALUE' 
_refine.pdbx_method_to_determine_struct          'MOLECULAR REPLACEMENT' 
_refine.pdbx_starting_model                      ? 
_refine.pdbx_stereochemistry_target_values       'GeoStd + Monomer Library + CDL v1.2' 
_refine.pdbx_R_Free_selection_details            ? 
_refine.pdbx_stereochem_target_val_spec_case     ? 
_refine.pdbx_overall_ESU_R                       ? 
_refine.pdbx_overall_ESU_R_Free                  ? 
_refine.pdbx_solvent_vdw_probe_radii             1.1100 
_refine.pdbx_solvent_ion_probe_radii             ? 
_refine.pdbx_solvent_shrinkage_radii             0.9000 
_refine.pdbx_real_space_R                        ? 
_refine.pdbx_density_correlation                 ? 
_refine.pdbx_pd_number_of_powder_patterns        ? 
_refine.pdbx_pd_number_of_points                 ? 
_refine.pdbx_pd_meas_number_of_points            ? 
_refine.pdbx_pd_proc_ls_prof_R_factor            ? 
_refine.pdbx_pd_proc_ls_prof_wR_factor           ? 
_refine.pdbx_pd_Marquardt_correlation_coeff      ? 
_refine.pdbx_pd_Fsqrd_R_factor                   ? 
_refine.pdbx_pd_ls_matrix_band_width             ? 
_refine.pdbx_overall_phase_error                 21.7075 
_refine.pdbx_overall_SU_R_free_Cruickshank_DPI   ? 
_refine.pdbx_overall_SU_R_free_Blow_DPI          ? 
_refine.pdbx_overall_SU_R_Blow_DPI               ? 
_refine.pdbx_TLS_residual_ADP_flag               ? 
_refine.pdbx_diffrn_id                           1 
_refine.overall_SU_B                             ? 
_refine.overall_SU_ML                            0.1297 
_refine.overall_SU_R_Cruickshank_DPI             ? 
_refine.overall_SU_R_free                        ? 
_refine.overall_FOM_free_R_set                   ? 
_refine.overall_FOM_work_R_set                   ? 
_refine.pdbx_average_fsc_overall                 ? 
_refine.pdbx_average_fsc_work                    ? 
_refine.pdbx_average_fsc_free                    ? 
# 
_refine_hist.pdbx_refine_id                   'X-RAY DIFFRACTION' 
_refine_hist.cycle_id                         LAST 
_refine_hist.details                          ? 
_refine_hist.d_res_high                       1.50 
_refine_hist.d_res_low                        34.43 
_refine_hist.number_atoms_solvent             78 
_refine_hist.number_atoms_total               414 
_refine_hist.number_reflns_all                ? 
_refine_hist.number_reflns_obs                ? 
_refine_hist.number_reflns_R_free             ? 
_refine_hist.number_reflns_R_work             ? 
_refine_hist.R_factor_all                     ? 
_refine_hist.R_factor_obs                     ? 
_refine_hist.R_factor_R_free                  ? 
_refine_hist.R_factor_R_work                  ? 
_refine_hist.pdbx_number_residues_total       ? 
_refine_hist.pdbx_B_iso_mean_ligand           ? 
_refine_hist.pdbx_B_iso_mean_solvent          ? 
_refine_hist.pdbx_number_atoms_protein        0 
_refine_hist.pdbx_number_atoms_nucleic_acid   336 
_refine_hist.pdbx_number_atoms_ligand         0 
_refine_hist.pdbx_number_atoms_lipid          ? 
_refine_hist.pdbx_number_atoms_carb           ? 
_refine_hist.pdbx_pseudo_atom_details         ? 
# 
loop_
_refine_ls_restr.pdbx_refine_id 
_refine_ls_restr.criterion 
_refine_ls_restr.dev_ideal 
_refine_ls_restr.dev_ideal_target 
_refine_ls_restr.number 
_refine_ls_restr.rejects 
_refine_ls_restr.type 
_refine_ls_restr.weight 
_refine_ls_restr.pdbx_restraint_function 
'X-RAY DIFFRACTION' ? 0.0049 ? 375 ? f_bond_d           ? ? 
'X-RAY DIFFRACTION' ? 0.9769 ? 582 ? f_angle_d          ? ? 
'X-RAY DIFFRACTION' ? 0.0335 ? 78  ? f_chiral_restr     ? ? 
'X-RAY DIFFRACTION' ? 0.0087 ? 16  ? f_plane_restr      ? ? 
'X-RAY DIFFRACTION' ? 5.9553 ? 180 ? f_dihedral_angle_d ? ? 
# 
loop_
_refine_ls_shell.pdbx_refine_id 
_refine_ls_shell.d_res_high 
_refine_ls_shell.d_res_low 
_refine_ls_shell.number_reflns_all 
_refine_ls_shell.number_reflns_obs 
_refine_ls_shell.number_reflns_R_free 
_refine_ls_shell.number_reflns_R_work 
_refine_ls_shell.percent_reflns_obs 
_refine_ls_shell.percent_reflns_R_free 
_refine_ls_shell.R_factor_all 
_refine_ls_shell.R_factor_obs 
_refine_ls_shell.R_factor_R_free_error 
_refine_ls_shell.R_factor_R_work 
_refine_ls_shell.redundancy_reflns_all 
_refine_ls_shell.redundancy_reflns_obs 
_refine_ls_shell.wR_factor_all 
_refine_ls_shell.wR_factor_obs 
_refine_ls_shell.wR_factor_R_free 
_refine_ls_shell.wR_factor_R_work 
_refine_ls_shell.pdbx_R_complete 
_refine_ls_shell.pdbx_total_number_of_bins_used 
_refine_ls_shell.pdbx_phase_error 
_refine_ls_shell.pdbx_fsc_work 
_refine_ls_shell.pdbx_fsc_free 
_refine_ls_shell.R_factor_R_free 
'X-RAY DIFFRACTION' 1.50 1.89  . . 167 3067 95.57 . . . . 0.1930 . . . . . . . . . . . 0.2341 
'X-RAY DIFFRACTION' 1.89 34.43 . . 171 3242 97.18 . . . . 0.1861 . . . . . . . . . . . 0.2442 
# 
_struct.entry_id                     9MDX 
_struct.title                        '16mer self-complementary duplex RNA with s(2)U:A pair sequence 1' 
_struct.pdbx_model_details           ? 
_struct.pdbx_formula_weight          ? 
_struct.pdbx_formula_weight_method   ? 
_struct.pdbx_model_type_details      ? 
_struct.pdbx_CASP_flag               N 
# 
_struct_keywords.entry_id        9MDX 
_struct_keywords.text            '2-Thiouridine, Nucleobase modification, Non-canonical Base Pair, RNA, Orgin of Life' 
_struct_keywords.pdbx_keywords   RNA 
# 
loop_
_struct_asym.id 
_struct_asym.pdbx_blank_PDB_chainid_flag 
_struct_asym.pdbx_modified 
_struct_asym.entity_id 
_struct_asym.details 
A N N 1 ? 
B N N 2 ? 
# 
_struct_ref.id                         1 
_struct_ref.db_name                    PDB 
_struct_ref.db_code                    9MDX 
_struct_ref.pdbx_db_accession          9MDX 
_struct_ref.pdbx_db_isoform            ? 
_struct_ref.entity_id                  1 
_struct_ref.pdbx_seq_one_letter_code   ? 
_struct_ref.pdbx_align_begin           1 
# 
_struct_ref_seq.align_id                      1 
_struct_ref_seq.ref_id                        1 
_struct_ref_seq.pdbx_PDB_id_code              9MDX 
_struct_ref_seq.pdbx_strand_id                A 
_struct_ref_seq.seq_align_beg                 1 
_struct_ref_seq.pdbx_seq_align_beg_ins_code   ? 
_struct_ref_seq.seq_align_end                 16 
_struct_ref_seq.pdbx_seq_align_end_ins_code   ? 
_struct_ref_seq.pdbx_db_accession             9MDX 
_struct_ref_seq.db_align_beg                  1 
_struct_ref_seq.pdbx_db_align_beg_ins_code    ? 
_struct_ref_seq.db_align_end                  16 
_struct_ref_seq.pdbx_db_align_end_ins_code    ? 
_struct_ref_seq.pdbx_auth_seq_align_beg       1 
_struct_ref_seq.pdbx_auth_seq_align_end       16 
# 
_pdbx_struct_assembly.id                   1 
_pdbx_struct_assembly.details              author_and_software_defined_assembly 
_pdbx_struct_assembly.method_details       PISA 
_pdbx_struct_assembly.oligomeric_details   dimeric 
_pdbx_struct_assembly.oligomeric_count     2 
# 
loop_
_pdbx_struct_assembly_prop.biol_id 
_pdbx_struct_assembly_prop.type 
_pdbx_struct_assembly_prop.value 
_pdbx_struct_assembly_prop.details 
1 'ABSA (A^2)' 2590 ? 
1 MORE         -2   ? 
1 'SSA (A^2)'  5600 ? 
# 
_pdbx_struct_assembly_gen.assembly_id       1 
_pdbx_struct_assembly_gen.oper_expression   1,2 
_pdbx_struct_assembly_gen.asym_id_list      A,B 
# 
_pdbx_struct_assembly_auth_evidence.id                     1 
_pdbx_struct_assembly_auth_evidence.assembly_id            1 
_pdbx_struct_assembly_auth_evidence.experimental_support   none 
_pdbx_struct_assembly_auth_evidence.details                ? 
# 
loop_
_pdbx_struct_oper_list.id 
_pdbx_struct_oper_list.type 
_pdbx_struct_oper_list.name 
_pdbx_struct_oper_list.symmetry_operation 
_pdbx_struct_oper_list.matrix[1][1] 
_pdbx_struct_oper_list.matrix[1][2] 
_pdbx_struct_oper_list.matrix[1][3] 
_pdbx_struct_oper_list.vector[1] 
_pdbx_struct_oper_list.matrix[2][1] 
_pdbx_struct_oper_list.matrix[2][2] 
_pdbx_struct_oper_list.matrix[2][3] 
_pdbx_struct_oper_list.vector[2] 
_pdbx_struct_oper_list.matrix[3][1] 
_pdbx_struct_oper_list.matrix[3][2] 
_pdbx_struct_oper_list.matrix[3][3] 
_pdbx_struct_oper_list.vector[3] 
1 'identity operation'         1_555 x,y,z  1.0000000000  0.0000000000  0.0000000000 0.0000000000  0.0000000000  1.0000000000  0.0000000000  0.0000000000  0.0000000000 0.0000000000  1.0000000000 0.0000000000  
2 'crystal symmetry operation' 4_555 y,x,-z -0.8800675139 -0.1107387304 0.4617554598 -1.2433841282 -0.1107387304 -0.8977502527 -0.4263583204 -3.2903691889 0.4617554598 -0.4263583204 0.7778177666 -0.4661540046 
# 
loop_
_struct_conn.id 
_struct_conn.conn_type_id 
_struct_conn.pdbx_leaving_atom_flag 
_struct_conn.pdbx_PDB_id 
_struct_conn.ptnr1_label_asym_id 
_struct_conn.ptnr1_label_comp_id 
_struct_conn.ptnr1_label_seq_id 
_struct_conn.ptnr1_label_atom_id 
_struct_conn.pdbx_ptnr1_label_alt_id 
_struct_conn.pdbx_ptnr1_PDB_ins_code 
_struct_conn.pdbx_ptnr1_standard_comp_id 
_struct_conn.ptnr1_symmetry 
_struct_conn.ptnr2_label_asym_id 
_struct_conn.ptnr2_label_comp_id 
_struct_conn.ptnr2_label_seq_id 
_struct_conn.ptnr2_label_atom_id 
_struct_conn.pdbx_ptnr2_label_alt_id 
_struct_conn.pdbx_ptnr2_PDB_ins_code 
_struct_conn.ptnr1_auth_asym_id 
_struct_conn.ptnr1_auth_comp_id 
_struct_conn.ptnr1_auth_seq_id 
_struct_conn.ptnr2_auth_asym_id 
_struct_conn.ptnr2_auth_comp_id 
_struct_conn.ptnr2_auth_seq_id 
_struct_conn.ptnr2_symmetry 
_struct_conn.pdbx_ptnr3_label_atom_id 
_struct_conn.pdbx_ptnr3_label_seq_id 
_struct_conn.pdbx_ptnr3_label_comp_id 
_struct_conn.pdbx_ptnr3_label_asym_id 
_struct_conn.pdbx_ptnr3_label_alt_id 
_struct_conn.pdbx_ptnr3_PDB_ins_code 
_struct_conn.details 
_struct_conn.pdbx_dist_value 
_struct_conn.pdbx_value_order 
_struct_conn.pdbx_role 
covale1  covale both ? A U   11 "O3'" ? ? ? 1_555 A SUR 12 P  ? ? A U   11 A SUR 12 1_555 ? ? ? ? ? ? ?            1.607 ? ? 
covale2  covale both ? A SUR 12 "O3'" ? ? ? 1_555 A C   13 P  ? ? A SUR 12 A C   13 1_555 ? ? ? ? ? ? ?            1.597 ? ? 
hydrog1  hydrog ?    ? A A   1  N1    ? ? ? 1_555 A U   16 N3 ? ? A A   1  A U   16 4_555 ? ? ? ? ? ? WATSON-CRICK ?     ? ? 
hydrog2  hydrog ?    ? A A   1  N6    ? ? ? 1_555 A U   16 O4 ? ? A A   1  A U   16 4_555 ? ? ? ? ? ? WATSON-CRICK ?     ? ? 
hydrog3  hydrog ?    ? A G   2  N1    ? ? ? 1_555 A C   15 N3 ? ? A G   2  A C   15 4_555 ? ? ? ? ? ? WATSON-CRICK ?     ? ? 
hydrog4  hydrog ?    ? A G   2  N2    ? ? ? 1_555 A C   15 O2 ? ? A G   2  A C   15 4_555 ? ? ? ? ? ? WATSON-CRICK ?     ? ? 
hydrog5  hydrog ?    ? A G   2  O6    ? ? ? 1_555 A C   15 N4 ? ? A G   2  A C   15 4_555 ? ? ? ? ? ? WATSON-CRICK ?     ? ? 
hydrog6  hydrog ?    ? A A   3  N1    ? ? ? 1_555 A U   14 N3 ? ? A A   3  A U   14 4_555 ? ? ? ? ? ? WATSON-CRICK ?     ? ? 
hydrog7  hydrog ?    ? A A   3  N6    ? ? ? 1_555 A U   14 O4 ? ? A A   3  A U   14 4_555 ? ? ? ? ? ? WATSON-CRICK ?     ? ? 
hydrog8  hydrog ?    ? A G   4  N1    ? ? ? 1_555 A C   13 N3 ? ? A G   4  A C   13 4_555 ? ? ? ? ? ? WATSON-CRICK ?     ? ? 
hydrog9  hydrog ?    ? A G   4  N2    ? ? ? 1_555 A C   13 O2 ? ? A G   4  A C   13 4_555 ? ? ? ? ? ? WATSON-CRICK ?     ? ? 
hydrog10 hydrog ?    ? A G   4  O6    ? ? ? 1_555 A C   13 N4 ? ? A G   4  A C   13 4_555 ? ? ? ? ? ? WATSON-CRICK ?     ? ? 
hydrog11 hydrog ?    ? A A   5  N1    ? ? ? 1_555 A SUR 12 N3 ? ? A A   5  A SUR 12 4_555 ? ? ? ? ? ? WATSON-CRICK ?     ? ? 
hydrog12 hydrog ?    ? A A   5  N6    ? ? ? 1_555 A SUR 12 O4 ? ? A A   5  A SUR 12 4_555 ? ? ? ? ? ? WATSON-CRICK ?     ? ? 
hydrog13 hydrog ?    ? A A   6  N1    ? ? ? 1_555 A U   11 N3 ? ? A A   6  A U   11 4_555 ? ? ? ? ? ? WATSON-CRICK ?     ? ? 
hydrog14 hydrog ?    ? A A   6  N6    ? ? ? 1_555 A U   11 O4 ? ? A A   6  A U   11 4_555 ? ? ? ? ? ? WATSON-CRICK ?     ? ? 
hydrog15 hydrog ?    ? A G   7  N1    ? ? ? 1_555 A C   10 N3 ? ? A G   7  A C   10 4_555 ? ? ? ? ? ? WATSON-CRICK ?     ? ? 
hydrog16 hydrog ?    ? A G   7  N2    ? ? ? 1_555 A C   10 O2 ? ? A G   7  A C   10 4_555 ? ? ? ? ? ? WATSON-CRICK ?     ? ? 
hydrog17 hydrog ?    ? A G   7  O6    ? ? ? 1_555 A C   10 N4 ? ? A G   7  A C   10 4_555 ? ? ? ? ? ? WATSON-CRICK ?     ? ? 
hydrog18 hydrog ?    ? A A   8  N1    ? ? ? 1_555 A U   9  N3 ? ? A A   8  A U   9  4_555 ? ? ? ? ? ? WATSON-CRICK ?     ? ? 
hydrog19 hydrog ?    ? A A   8  N6    ? ? ? 1_555 A U   9  O4 ? ? A A   8  A U   9  4_555 ? ? ? ? ? ? WATSON-CRICK ?     ? ? 
hydrog20 hydrog ?    ? A U   9  N3    ? ? ? 1_555 A A   8  N1 ? ? A U   9  A A   8  4_555 ? ? ? ? ? ? WATSON-CRICK ?     ? ? 
hydrog21 hydrog ?    ? A U   9  O4    ? ? ? 1_555 A A   8  N6 ? ? A U   9  A A   8  4_555 ? ? ? ? ? ? WATSON-CRICK ?     ? ? 
hydrog22 hydrog ?    ? A C   10 N3    ? ? ? 1_555 A G   7  N1 ? ? A C   10 A G   7  4_555 ? ? ? ? ? ? WATSON-CRICK ?     ? ? 
hydrog23 hydrog ?    ? A C   10 N4    ? ? ? 1_555 A G   7  O6 ? ? A C   10 A G   7  4_555 ? ? ? ? ? ? WATSON-CRICK ?     ? ? 
hydrog24 hydrog ?    ? A C   10 O2    ? ? ? 1_555 A G   7  N2 ? ? A C   10 A G   7  4_555 ? ? ? ? ? ? WATSON-CRICK ?     ? ? 
hydrog25 hydrog ?    ? A U   11 N3    ? ? ? 1_555 A A   6  N1 ? ? A U   11 A A   6  4_555 ? ? ? ? ? ? WATSON-CRICK ?     ? ? 
hydrog26 hydrog ?    ? A U   11 O4    ? ? ? 1_555 A A   6  N6 ? ? A U   11 A A   6  4_555 ? ? ? ? ? ? WATSON-CRICK ?     ? ? 
hydrog27 hydrog ?    ? A SUR 12 N3    ? ? ? 1_555 A A   5  N1 ? ? A SUR 12 A A   5  4_555 ? ? ? ? ? ? WATSON-CRICK ?     ? ? 
hydrog28 hydrog ?    ? A SUR 12 O4    ? ? ? 1_555 A A   5  N6 ? ? A SUR 12 A A   5  4_555 ? ? ? ? ? ? WATSON-CRICK ?     ? ? 
hydrog29 hydrog ?    ? A C   13 N3    ? ? ? 1_555 A G   4  N1 ? ? A C   13 A G   4  4_555 ? ? ? ? ? ? WATSON-CRICK ?     ? ? 
hydrog30 hydrog ?    ? A C   13 N4    ? ? ? 1_555 A G   4  O6 ? ? A C   13 A G   4  4_555 ? ? ? ? ? ? WATSON-CRICK ?     ? ? 
hydrog31 hydrog ?    ? A C   13 O2    ? ? ? 1_555 A G   4  N2 ? ? A C   13 A G   4  4_555 ? ? ? ? ? ? WATSON-CRICK ?     ? ? 
hydrog32 hydrog ?    ? A U   14 N3    ? ? ? 1_555 A A   3  N1 ? ? A U   14 A A   3  4_555 ? ? ? ? ? ? WATSON-CRICK ?     ? ? 
hydrog33 hydrog ?    ? A U   14 O4    ? ? ? 1_555 A A   3  N6 ? ? A U   14 A A   3  4_555 ? ? ? ? ? ? WATSON-CRICK ?     ? ? 
hydrog34 hydrog ?    ? A C   15 N3    ? ? ? 1_555 A G   2  N1 ? ? A C   15 A G   2  4_555 ? ? ? ? ? ? WATSON-CRICK ?     ? ? 
hydrog35 hydrog ?    ? A C   15 N4    ? ? ? 1_555 A G   2  O6 ? ? A C   15 A G   2  4_555 ? ? ? ? ? ? WATSON-CRICK ?     ? ? 
hydrog36 hydrog ?    ? A C   15 O2    ? ? ? 1_555 A G   2  N2 ? ? A C   15 A G   2  4_555 ? ? ? ? ? ? WATSON-CRICK ?     ? ? 
hydrog37 hydrog ?    ? A U   16 N3    ? ? ? 1_555 A A   1  N1 ? ? A U   16 A A   1  4_555 ? ? ? ? ? ? WATSON-CRICK ?     ? ? 
hydrog38 hydrog ?    ? A U   16 O4    ? ? ? 1_555 A A   1  N6 ? ? A U   16 A A   1  4_555 ? ? ? ? ? ? WATSON-CRICK ?     ? ? 
# 
loop_
_struct_conn_type.id 
_struct_conn_type.criteria 
_struct_conn_type.reference 
covale ? ? 
hydrog ? ? 
# 
_pdbx_entry_details.entry_id                   9MDX 
_pdbx_entry_details.nonpolymer_details         ? 
_pdbx_entry_details.sequence_details           ? 
_pdbx_entry_details.compound_details           ? 
_pdbx_entry_details.source_details             ? 
_pdbx_entry_details.has_ligand_of_interest     Y 
_pdbx_entry_details.has_protein_modification   N 
# 
loop_
_pdbx_struct_special_symmetry.id 
_pdbx_struct_special_symmetry.PDB_model_num 
_pdbx_struct_special_symmetry.auth_asym_id 
_pdbx_struct_special_symmetry.auth_comp_id 
_pdbx_struct_special_symmetry.auth_seq_id 
_pdbx_struct_special_symmetry.PDB_ins_code 
_pdbx_struct_special_symmetry.label_asym_id 
_pdbx_struct_special_symmetry.label_comp_id 
_pdbx_struct_special_symmetry.label_seq_id 
1 1 A HOH 103 ? B HOH . 
2 1 A HOH 128 ? B HOH . 
3 1 A HOH 150 ? B HOH . 
4 1 A HOH 154 ? B HOH . 
5 1 A HOH 158 ? B HOH . 
6 1 A HOH 161 ? B HOH . 
# 
loop_
_chem_comp_atom.comp_id 
_chem_comp_atom.atom_id 
_chem_comp_atom.type_symbol 
_chem_comp_atom.pdbx_aromatic_flag 
_chem_comp_atom.pdbx_stereo_config 
_chem_comp_atom.pdbx_ordinal 
A   OP3    O N N 1   
A   P      P N N 2   
A   OP1    O N N 3   
A   OP2    O N N 4   
A   "O5'"  O N N 5   
A   "C5'"  C N N 6   
A   "C4'"  C N R 7   
A   "O4'"  O N N 8   
A   "C3'"  C N S 9   
A   "O3'"  O N N 10  
A   "C2'"  C N R 11  
A   "O2'"  O N N 12  
A   "C1'"  C N R 13  
A   N9     N Y N 14  
A   C8     C Y N 15  
A   N7     N Y N 16  
A   C5     C Y N 17  
A   C6     C Y N 18  
A   N6     N N N 19  
A   N1     N Y N 20  
A   C2     C Y N 21  
A   N3     N Y N 22  
A   C4     C Y N 23  
A   HOP3   H N N 24  
A   HOP2   H N N 25  
A   "H5'"  H N N 26  
A   "H5''" H N N 27  
A   "H4'"  H N N 28  
A   "H3'"  H N N 29  
A   "HO3'" H N N 30  
A   "H2'"  H N N 31  
A   "HO2'" H N N 32  
A   "H1'"  H N N 33  
A   H8     H N N 34  
A   H61    H N N 35  
A   H62    H N N 36  
A   H2     H N N 37  
C   OP3    O N N 38  
C   P      P N N 39  
C   OP1    O N N 40  
C   OP2    O N N 41  
C   "O5'"  O N N 42  
C   "C5'"  C N N 43  
C   "C4'"  C N R 44  
C   "O4'"  O N N 45  
C   "C3'"  C N S 46  
C   "O3'"  O N N 47  
C   "C2'"  C N R 48  
C   "O2'"  O N N 49  
C   "C1'"  C N R 50  
C   N1     N N N 51  
C   C2     C N N 52  
C   O2     O N N 53  
C   N3     N N N 54  
C   C4     C N N 55  
C   N4     N N N 56  
C   C5     C N N 57  
C   C6     C N N 58  
C   HOP3   H N N 59  
C   HOP2   H N N 60  
C   "H5'"  H N N 61  
C   "H5''" H N N 62  
C   "H4'"  H N N 63  
C   "H3'"  H N N 64  
C   "HO3'" H N N 65  
C   "H2'"  H N N 66  
C   "HO2'" H N N 67  
C   "H1'"  H N N 68  
C   H41    H N N 69  
C   H42    H N N 70  
C   H5     H N N 71  
C   H6     H N N 72  
G   OP3    O N N 73  
G   P      P N N 74  
G   OP1    O N N 75  
G   OP2    O N N 76  
G   "O5'"  O N N 77  
G   "C5'"  C N N 78  
G   "C4'"  C N R 79  
G   "O4'"  O N N 80  
G   "C3'"  C N S 81  
G   "O3'"  O N N 82  
G   "C2'"  C N R 83  
G   "O2'"  O N N 84  
G   "C1'"  C N R 85  
G   N9     N Y N 86  
G   C8     C Y N 87  
G   N7     N Y N 88  
G   C5     C Y N 89  
G   C6     C N N 90  
G   O6     O N N 91  
G   N1     N N N 92  
G   C2     C N N 93  
G   N2     N N N 94  
G   N3     N N N 95  
G   C4     C Y N 96  
G   HOP3   H N N 97  
G   HOP2   H N N 98  
G   "H5'"  H N N 99  
G   "H5''" H N N 100 
G   "H4'"  H N N 101 
G   "H3'"  H N N 102 
G   "HO3'" H N N 103 
G   "H2'"  H N N 104 
G   "HO2'" H N N 105 
G   "H1'"  H N N 106 
G   H8     H N N 107 
G   H1     H N N 108 
G   H21    H N N 109 
G   H22    H N N 110 
HOH O      O N N 111 
HOH H1     H N N 112 
HOH H2     H N N 113 
SUR P      P N N 114 
SUR OP1    O N N 115 
SUR OP2    O N N 116 
SUR OP3    O N N 117 
SUR "O5'"  O N N 118 
SUR "C5'"  C N N 119 
SUR "C4'"  C N R 120 
SUR "O4'"  O N N 121 
SUR "C3'"  C N S 122 
SUR "C1'"  C N R 123 
SUR N1     N N N 124 
SUR "C2'"  C N R 125 
SUR C6     C N N 126 
SUR C2     C N N 127 
SUR C5     C N N 128 
SUR S2     S N N 129 
SUR N3     N N N 130 
SUR C4     C N N 131 
SUR O4     O N N 132 
SUR "O2'"  O N N 133 
SUR "O3'"  O N N 134 
SUR HOP1   H N N 135 
SUR HOP3   H N N 136 
SUR "H5'1" H N N 137 
SUR "H5'2" H N N 138 
SUR "H4'"  H N N 139 
SUR "H3'"  H N N 140 
SUR "H1'"  H N N 141 
SUR "H2'"  H N N 142 
SUR HC6    H N N 143 
SUR HC5    H N N 144 
SUR HN3    H N N 145 
SUR HO2    H N N 146 
SUR HO3    H N N 147 
U   OP3    O N N 148 
U   P      P N N 149 
U   OP1    O N N 150 
U   OP2    O N N 151 
U   "O5'"  O N N 152 
U   "C5'"  C N N 153 
U   "C4'"  C N R 154 
U   "O4'"  O N N 155 
U   "C3'"  C N S 156 
U   "O3'"  O N N 157 
U   "C2'"  C N R 158 
U   "O2'"  O N N 159 
U   "C1'"  C N R 160 
U   N1     N N N 161 
U   C2     C N N 162 
U   O2     O N N 163 
U   N3     N N N 164 
U   C4     C N N 165 
U   O4     O N N 166 
U   C5     C N N 167 
U   C6     C N N 168 
U   HOP3   H N N 169 
U   HOP2   H N N 170 
U   "H5'"  H N N 171 
U   "H5''" H N N 172 
U   "H4'"  H N N 173 
U   "H3'"  H N N 174 
U   "HO3'" H N N 175 
U   "H2'"  H N N 176 
U   "HO2'" H N N 177 
U   "H1'"  H N N 178 
U   H3     H N N 179 
U   H5     H N N 180 
U   H6     H N N 181 
# 
loop_
_chem_comp_bond.comp_id 
_chem_comp_bond.atom_id_1 
_chem_comp_bond.atom_id_2 
_chem_comp_bond.value_order 
_chem_comp_bond.pdbx_aromatic_flag 
_chem_comp_bond.pdbx_stereo_config 
_chem_comp_bond.pdbx_ordinal 
A   OP3   P      sing N N 1   
A   OP3   HOP3   sing N N 2   
A   P     OP1    doub N N 3   
A   P     OP2    sing N N 4   
A   P     "O5'"  sing N N 5   
A   OP2   HOP2   sing N N 6   
A   "O5'" "C5'"  sing N N 7   
A   "C5'" "C4'"  sing N N 8   
A   "C5'" "H5'"  sing N N 9   
A   "C5'" "H5''" sing N N 10  
A   "C4'" "O4'"  sing N N 11  
A   "C4'" "C3'"  sing N N 12  
A   "C4'" "H4'"  sing N N 13  
A   "O4'" "C1'"  sing N N 14  
A   "C3'" "O3'"  sing N N 15  
A   "C3'" "C2'"  sing N N 16  
A   "C3'" "H3'"  sing N N 17  
A   "O3'" "HO3'" sing N N 18  
A   "C2'" "O2'"  sing N N 19  
A   "C2'" "C1'"  sing N N 20  
A   "C2'" "H2'"  sing N N 21  
A   "O2'" "HO2'" sing N N 22  
A   "C1'" N9     sing N N 23  
A   "C1'" "H1'"  sing N N 24  
A   N9    C8     sing Y N 25  
A   N9    C4     sing Y N 26  
A   C8    N7     doub Y N 27  
A   C8    H8     sing N N 28  
A   N7    C5     sing Y N 29  
A   C5    C6     sing Y N 30  
A   C5    C4     doub Y N 31  
A   C6    N6     sing N N 32  
A   C6    N1     doub Y N 33  
A   N6    H61    sing N N 34  
A   N6    H62    sing N N 35  
A   N1    C2     sing Y N 36  
A   C2    N3     doub Y N 37  
A   C2    H2     sing N N 38  
A   N3    C4     sing Y N 39  
C   OP3   P      sing N N 40  
C   OP3   HOP3   sing N N 41  
C   P     OP1    doub N N 42  
C   P     OP2    sing N N 43  
C   P     "O5'"  sing N N 44  
C   OP2   HOP2   sing N N 45  
C   "O5'" "C5'"  sing N N 46  
C   "C5'" "C4'"  sing N N 47  
C   "C5'" "H5'"  sing N N 48  
C   "C5'" "H5''" sing N N 49  
C   "C4'" "O4'"  sing N N 50  
C   "C4'" "C3'"  sing N N 51  
C   "C4'" "H4'"  sing N N 52  
C   "O4'" "C1'"  sing N N 53  
C   "C3'" "O3'"  sing N N 54  
C   "C3'" "C2'"  sing N N 55  
C   "C3'" "H3'"  sing N N 56  
C   "O3'" "HO3'" sing N N 57  
C   "C2'" "O2'"  sing N N 58  
C   "C2'" "C1'"  sing N N 59  
C   "C2'" "H2'"  sing N N 60  
C   "O2'" "HO2'" sing N N 61  
C   "C1'" N1     sing N N 62  
C   "C1'" "H1'"  sing N N 63  
C   N1    C2     sing N N 64  
C   N1    C6     sing N N 65  
C   C2    O2     doub N N 66  
C   C2    N3     sing N N 67  
C   N3    C4     doub N N 68  
C   C4    N4     sing N N 69  
C   C4    C5     sing N N 70  
C   N4    H41    sing N N 71  
C   N4    H42    sing N N 72  
C   C5    C6     doub N N 73  
C   C5    H5     sing N N 74  
C   C6    H6     sing N N 75  
G   OP3   P      sing N N 76  
G   OP3   HOP3   sing N N 77  
G   P     OP1    doub N N 78  
G   P     OP2    sing N N 79  
G   P     "O5'"  sing N N 80  
G   OP2   HOP2   sing N N 81  
G   "O5'" "C5'"  sing N N 82  
G   "C5'" "C4'"  sing N N 83  
G   "C5'" "H5'"  sing N N 84  
G   "C5'" "H5''" sing N N 85  
G   "C4'" "O4'"  sing N N 86  
G   "C4'" "C3'"  sing N N 87  
G   "C4'" "H4'"  sing N N 88  
G   "O4'" "C1'"  sing N N 89  
G   "C3'" "O3'"  sing N N 90  
G   "C3'" "C2'"  sing N N 91  
G   "C3'" "H3'"  sing N N 92  
G   "O3'" "HO3'" sing N N 93  
G   "C2'" "O2'"  sing N N 94  
G   "C2'" "C1'"  sing N N 95  
G   "C2'" "H2'"  sing N N 96  
G   "O2'" "HO2'" sing N N 97  
G   "C1'" N9     sing N N 98  
G   "C1'" "H1'"  sing N N 99  
G   N9    C8     sing Y N 100 
G   N9    C4     sing Y N 101 
G   C8    N7     doub Y N 102 
G   C8    H8     sing N N 103 
G   N7    C5     sing Y N 104 
G   C5    C6     sing N N 105 
G   C5    C4     doub Y N 106 
G   C6    O6     doub N N 107 
G   C6    N1     sing N N 108 
G   N1    C2     sing N N 109 
G   N1    H1     sing N N 110 
G   C2    N2     sing N N 111 
G   C2    N3     doub N N 112 
G   N2    H21    sing N N 113 
G   N2    H22    sing N N 114 
G   N3    C4     sing N N 115 
HOH O     H1     sing N N 116 
HOH O     H2     sing N N 117 
SUR P     OP1    sing N N 118 
SUR P     OP2    doub N N 119 
SUR P     OP3    sing N N 120 
SUR P     "O5'"  sing N N 121 
SUR OP1   HOP1   sing N N 122 
SUR OP3   HOP3   sing N N 123 
SUR "O5'" "C5'"  sing N N 124 
SUR "C5'" "C4'"  sing N N 125 
SUR "C5'" "H5'1" sing N N 126 
SUR "C5'" "H5'2" sing N N 127 
SUR "C4'" "O4'"  sing N N 128 
SUR "C4'" "C3'"  sing N N 129 
SUR "C4'" "H4'"  sing N N 130 
SUR "O4'" "C1'"  sing N N 131 
SUR "C3'" "C2'"  sing N N 132 
SUR "C3'" "O3'"  sing N N 133 
SUR "C3'" "H3'"  sing N N 134 
SUR "C1'" N1     sing N N 135 
SUR "C1'" "C2'"  sing N N 136 
SUR "C1'" "H1'"  sing N N 137 
SUR N1    C6     sing N N 138 
SUR N1    C2     sing N N 139 
SUR "C2'" "O2'"  sing N N 140 
SUR "C2'" "H2'"  sing N N 141 
SUR C6    C5     doub N N 142 
SUR C6    HC6    sing N N 143 
SUR C2    S2     doub N N 144 
SUR C2    N3     sing N N 145 
SUR C5    C4     sing N N 146 
SUR C5    HC5    sing N N 147 
SUR N3    C4     sing N N 148 
SUR N3    HN3    sing N N 149 
SUR C4    O4     doub N N 150 
SUR "O2'" HO2    sing N N 151 
SUR "O3'" HO3    sing N N 152 
U   OP3   P      sing N N 153 
U   OP3   HOP3   sing N N 154 
U   P     OP1    doub N N 155 
U   P     OP2    sing N N 156 
U   P     "O5'"  sing N N 157 
U   OP2   HOP2   sing N N 158 
U   "O5'" "C5'"  sing N N 159 
U   "C5'" "C4'"  sing N N 160 
U   "C5'" "H5'"  sing N N 161 
U   "C5'" "H5''" sing N N 162 
U   "C4'" "O4'"  sing N N 163 
U   "C4'" "C3'"  sing N N 164 
U   "C4'" "H4'"  sing N N 165 
U   "O4'" "C1'"  sing N N 166 
U   "C3'" "O3'"  sing N N 167 
U   "C3'" "C2'"  sing N N 168 
U   "C3'" "H3'"  sing N N 169 
U   "O3'" "HO3'" sing N N 170 
U   "C2'" "O2'"  sing N N 171 
U   "C2'" "C1'"  sing N N 172 
U   "C2'" "H2'"  sing N N 173 
U   "O2'" "HO2'" sing N N 174 
U   "C1'" N1     sing N N 175 
U   "C1'" "H1'"  sing N N 176 
U   N1    C2     sing N N 177 
U   N1    C6     sing N N 178 
U   C2    O2     doub N N 179 
U   C2    N3     sing N N 180 
U   N3    C4     sing N N 181 
U   N3    H3     sing N N 182 
U   C4    O4     doub N N 183 
U   C4    C5     sing N N 184 
U   C5    C6     doub N N 185 
U   C5    H5     sing N N 186 
U   C6    H6     sing N N 187 
# 
loop_
_ndb_struct_conf_na.entry_id 
_ndb_struct_conf_na.feature 
9MDX 'a-form double helix'  
9MDX 'mismatched base pair' 
# 
loop_
_ndb_struct_na_base_pair.model_number 
_ndb_struct_na_base_pair.i_label_asym_id 
_ndb_struct_na_base_pair.i_label_comp_id 
_ndb_struct_na_base_pair.i_label_seq_id 
_ndb_struct_na_base_pair.i_symmetry 
_ndb_struct_na_base_pair.j_label_asym_id 
_ndb_struct_na_base_pair.j_label_comp_id 
_ndb_struct_na_base_pair.j_label_seq_id 
_ndb_struct_na_base_pair.j_symmetry 
_ndb_struct_na_base_pair.shear 
_ndb_struct_na_base_pair.stretch 
_ndb_struct_na_base_pair.stagger 
_ndb_struct_na_base_pair.buckle 
_ndb_struct_na_base_pair.propeller 
_ndb_struct_na_base_pair.opening 
_ndb_struct_na_base_pair.pair_number 
_ndb_struct_na_base_pair.pair_name 
_ndb_struct_na_base_pair.i_auth_asym_id 
_ndb_struct_na_base_pair.i_auth_seq_id 
_ndb_struct_na_base_pair.i_PDB_ins_code 
_ndb_struct_na_base_pair.j_auth_asym_id 
_ndb_struct_na_base_pair.j_auth_seq_id 
_ndb_struct_na_base_pair.j_PDB_ins_code 
_ndb_struct_na_base_pair.hbond_type_28 
_ndb_struct_na_base_pair.hbond_type_12 
1 A A   1  1_555 A U   16 4_555 -0.042 -0.148 0.146  -0.358 -9.795  -0.564 1  A_A1:U16_A   A 1  ? A 16 ? 20 1 
1 A G   2  1_555 A C   15 4_555 -0.191 -0.209 0.170  -0.112 -13.442 -2.145 2  A_G2:C15_A   A 2  ? A 15 ? 19 1 
1 A A   3  1_555 A U   14 4_555 0.029  -0.135 0.163  -0.742 -14.957 2.728  3  A_A3:U14_A   A 3  ? A 14 ? 20 1 
1 A G   4  1_555 A C   13 4_555 -0.257 -0.186 0.004  -2.452 -10.834 -2.462 4  A_G4:C13_A   A 4  ? A 13 ? 19 1 
1 A A   5  1_555 A SUR 12 4_555 0.175  -0.199 0.036  0.776  -9.034  -0.492 5  A_A5:SUR12_A A 5  ? A 12 ? 20 1 
1 A A   6  1_555 A U   11 4_555 -0.403 -0.096 -0.071 -4.373 -15.487 4.366  6  A_A6:U11_A   A 6  ? A 11 ? 20 1 
1 A G   7  1_555 A C   10 4_555 -0.156 -0.091 0.078  -0.374 -9.629  1.681  7  A_G7:C10_A   A 7  ? A 10 ? 19 1 
1 A A   8  1_555 A U   9  4_555 -0.096 -0.169 -0.056 -1.399 -17.316 1.865  8  A_A8:U9_A    A 8  ? A 9  ? 20 1 
1 A U   9  1_555 A A   8  4_555 0.096  -0.169 -0.056 1.399  -17.316 1.865  9  A_U9:A8_A    A 9  ? A 8  ? 20 1 
1 A C   10 1_555 A G   7  4_555 0.156  -0.091 0.078  0.374  -9.629  1.681  10 A_C10:G7_A   A 10 ? A 7  ? 19 1 
1 A U   11 1_555 A A   6  4_555 0.403  -0.096 -0.071 4.373  -15.487 4.366  11 A_U11:A6_A   A 11 ? A 6  ? 20 1 
1 A SUR 12 1_555 A A   5  4_555 -0.175 -0.199 0.036  -0.776 -9.034  -0.492 12 A_SUR12:A5_A A 12 ? A 5  ? 20 1 
1 A C   13 1_555 A G   4  4_555 0.257  -0.186 0.004  2.452  -10.834 -2.462 13 A_C13:G4_A   A 13 ? A 4  ? 19 1 
1 A U   14 1_555 A A   3  4_555 -0.029 -0.135 0.163  0.742  -14.957 2.728  14 A_U14:A3_A   A 14 ? A 3  ? 20 1 
1 A C   15 1_555 A G   2  4_555 0.191  -0.209 0.170  0.112  -13.442 -2.145 15 A_C15:G2_A   A 15 ? A 2  ? 19 1 
1 A U   16 1_555 A A   1  4_555 0.042  -0.148 0.146  0.358  -9.795  -0.564 16 A_U16:A1_A   A 16 ? A 1  ? 20 1 
# 
loop_
_ndb_struct_na_base_pair_step.model_number 
_ndb_struct_na_base_pair_step.i_label_asym_id_1 
_ndb_struct_na_base_pair_step.i_label_comp_id_1 
_ndb_struct_na_base_pair_step.i_label_seq_id_1 
_ndb_struct_na_base_pair_step.i_symmetry_1 
_ndb_struct_na_base_pair_step.j_label_asym_id_1 
_ndb_struct_na_base_pair_step.j_label_comp_id_1 
_ndb_struct_na_base_pair_step.j_label_seq_id_1 
_ndb_struct_na_base_pair_step.j_symmetry_1 
_ndb_struct_na_base_pair_step.i_label_asym_id_2 
_ndb_struct_na_base_pair_step.i_label_comp_id_2 
_ndb_struct_na_base_pair_step.i_label_seq_id_2 
_ndb_struct_na_base_pair_step.i_symmetry_2 
_ndb_struct_na_base_pair_step.j_label_asym_id_2 
_ndb_struct_na_base_pair_step.j_label_comp_id_2 
_ndb_struct_na_base_pair_step.j_label_seq_id_2 
_ndb_struct_na_base_pair_step.j_symmetry_2 
_ndb_struct_na_base_pair_step.shift 
_ndb_struct_na_base_pair_step.slide 
_ndb_struct_na_base_pair_step.rise 
_ndb_struct_na_base_pair_step.tilt 
_ndb_struct_na_base_pair_step.roll 
_ndb_struct_na_base_pair_step.twist 
_ndb_struct_na_base_pair_step.x_displacement 
_ndb_struct_na_base_pair_step.y_displacement 
_ndb_struct_na_base_pair_step.helical_rise 
_ndb_struct_na_base_pair_step.inclination 
_ndb_struct_na_base_pair_step.tip 
_ndb_struct_na_base_pair_step.helical_twist 
_ndb_struct_na_base_pair_step.step_number 
_ndb_struct_na_base_pair_step.step_name 
_ndb_struct_na_base_pair_step.i_auth_asym_id_1 
_ndb_struct_na_base_pair_step.i_auth_seq_id_1 
_ndb_struct_na_base_pair_step.i_PDB_ins_code_1 
_ndb_struct_na_base_pair_step.j_auth_asym_id_1 
_ndb_struct_na_base_pair_step.j_auth_seq_id_1 
_ndb_struct_na_base_pair_step.j_PDB_ins_code_1 
_ndb_struct_na_base_pair_step.i_auth_asym_id_2 
_ndb_struct_na_base_pair_step.i_auth_seq_id_2 
_ndb_struct_na_base_pair_step.i_PDB_ins_code_2 
_ndb_struct_na_base_pair_step.j_auth_asym_id_2 
_ndb_struct_na_base_pair_step.j_auth_seq_id_2 
_ndb_struct_na_base_pair_step.j_PDB_ins_code_2 
1 A A   1  1_555 A U   16 4_555 A G   2  1_555 A C   15 4_555 -0.510 -1.213 3.158 -1.663 6.581  34.107 -2.971 0.616  2.901 11.084 
2.801  34.756 1  AA_A1G2:C15U16_AA   A 1  ? A 16 ? A 2  ? A 15 ? 
1 A G   2  1_555 A C   15 4_555 A A   3  1_555 A U   14 4_555 0.821  -1.398 3.177 2.113  5.381  33.637 -3.190 -1.082 2.969 9.213  
-3.618 34.116 2  AA_G2A3:U14C15_AA   A 2  ? A 15 ? A 3  ? A 14 ? 
1 A A   3  1_555 A U   14 4_555 A G   4  1_555 A C   13 4_555 -0.751 -1.435 3.215 -1.790 10.223 33.538 -3.804 0.998  2.710 17.212 
3.013  35.063 3  AA_A3G4:C13U14_AA   A 3  ? A 14 ? A 4  ? A 13 ? 
1 A G   4  1_555 A C   13 4_555 A A   5  1_555 A SUR 12 4_555 0.251  -1.560 3.180 0.370  9.969  29.852 -4.556 -0.401 2.543 18.705 
-0.695 31.438 4  AA_G4A5:SUR12C13_AA A 4  ? A 13 ? A 5  ? A 12 ? 
1 A A   5  1_555 A SUR 12 4_555 A A   6  1_555 A U   11 4_555 1.033  -1.988 3.251 3.197  15.313 30.192 -5.552 -1.323 2.121 27.222 
-5.684 33.920 5  AA_A5A6:U11SUR12_AA A 5  ? A 12 ? A 6  ? A 11 ? 
1 A A   6  1_555 A U   11 4_555 A G   7  1_555 A C   10 4_555 -0.627 -1.846 3.054 -2.937 8.083  27.593 -5.259 0.692  2.477 16.449 
5.976  28.878 6  AA_A6G7:C10U11_AA   A 6  ? A 11 ? A 7  ? A 10 ? 
1 A G   7  1_555 A C   10 4_555 A A   8  1_555 A U   9  4_555 -0.236 -1.609 3.258 0.664  5.772  32.157 -3.814 0.529  2.927 10.315 
-1.187 32.664 7  AA_G7A8:U9C10_AA    A 7  ? A 10 ? A 8  ? A 9  ? 
1 A A   8  1_555 A U   9  4_555 A U   9  1_555 A A   8  4_555 0.000  -1.113 3.086 0.000  4.291  32.906 -2.614 0.000  2.922 7.536  
0.000  33.177 8  AA_A8U9:A8U9_AA     A 8  ? A 9  ? A 9  ? A 8  ? 
1 A U   9  1_555 A A   8  4_555 A C   10 1_555 A G   7  4_555 0.236  -1.609 3.258 -0.664 5.772  32.157 -3.814 -0.529 2.927 10.315 
1.187  32.664 9  AA_U9C10:G7A8_AA    A 9  ? A 8  ? A 10 ? A 7  ? 
1 A C   10 1_555 A G   7  4_555 A U   11 1_555 A A   6  4_555 0.627  -1.846 3.054 2.937  8.083  27.593 -5.259 -0.692 2.477 16.449 
-5.976 28.878 10 AA_C10U11:A6G7_AA   A 10 ? A 7  ? A 11 ? A 6  ? 
1 A U   11 1_555 A A   6  4_555 A SUR 12 1_555 A A   5  4_555 -1.033 -1.988 3.251 -3.197 15.313 30.192 -5.552 1.323  2.121 27.222 
5.684  33.920 11 AA_U11SUR12:A5A6_AA A 11 ? A 6  ? A 12 ? A 5  ? 
1 A SUR 12 1_555 A A   5  4_555 A C   13 1_555 A G   4  4_555 -0.251 -1.560 3.180 -0.370 9.969  29.852 -4.556 0.401  2.543 18.705 
0.695  31.438 12 AA_SUR12C13:G4A5_AA A 12 ? A 5  ? A 13 ? A 4  ? 
1 A C   13 1_555 A G   4  4_555 A U   14 1_555 A A   3  4_555 0.751  -1.435 3.215 1.790  10.223 33.538 -3.804 -0.998 2.710 17.212 
-3.013 35.063 13 AA_C13U14:A3G4_AA   A 13 ? A 4  ? A 14 ? A 3  ? 
1 A U   14 1_555 A A   3  4_555 A C   15 1_555 A G   2  4_555 -0.821 -1.398 3.177 -2.113 5.381  33.637 -3.190 1.082  2.969 9.213  
3.618  34.116 14 AA_U14C15:G2A3_AA   A 14 ? A 3  ? A 15 ? A 2  ? 
1 A C   15 1_555 A G   2  4_555 A U   16 1_555 A A   1  4_555 0.510  -1.213 3.158 1.663  6.581  34.107 -2.971 -0.616 2.901 11.084 
-2.801 34.756 15 AA_C15U16:A1G2_AA   A 15 ? A 2  ? A 16 ? A 1  ? 
# 
loop_
_pdbx_audit_support.funding_organization 
_pdbx_audit_support.country 
_pdbx_audit_support.grant_number 
_pdbx_audit_support.ordinal 
'National Science Foundation (NSF, United States)' 'United States' 2104708 1 
'Howard Hughes Medical Institute (HHMI)'           'United States' ?       2 
# 
_pdbx_initial_refinement_model.id               1 
_pdbx_initial_refinement_model.entity_id_list   ? 
_pdbx_initial_refinement_model.type             'experimental model' 
_pdbx_initial_refinement_model.source_name      PDB 
_pdbx_initial_refinement_model.accession_code   3nd4 
_pdbx_initial_refinement_model.details          ? 
# 
_atom_sites.entry_id                    9MDX 
_atom_sites.Cartn_transf_matrix[1][1]   ? 
_atom_sites.Cartn_transf_matrix[1][2]   ? 
_atom_sites.Cartn_transf_matrix[1][3]   ? 
_atom_sites.Cartn_transf_matrix[2][1]   ? 
_atom_sites.Cartn_transf_matrix[2][2]   ? 
_atom_sites.Cartn_transf_matrix[2][3]   ? 
_atom_sites.Cartn_transf_matrix[3][1]   ? 
_atom_sites.Cartn_transf_matrix[3][2]   ? 
_atom_sites.Cartn_transf_matrix[3][3]   ? 
_atom_sites.Cartn_transf_vector[1]      ? 
_atom_sites.Cartn_transf_vector[2]      ? 
_atom_sites.Cartn_transf_vector[3]      ? 
_atom_sites.Cartn_transform_axes        ? 
_atom_sites.fract_transf_matrix[1][1]   -0.01935903 
_atom_sites.fract_transf_matrix[1][2]   0.00314261 
_atom_sites.fract_transf_matrix[1][3]   -0.01984958 
_atom_sites.fract_transf_matrix[2][1]   0.00752328 
_atom_sites.fract_transf_matrix[2][2]   0.00778544 
_atom_sites.fract_transf_matrix[2][3]   -0.02571809 
_atom_sites.fract_transf_matrix[3][1]   0.00088110 
_atom_sites.fract_transf_matrix[3][2]   -0.00773588 
_atom_sites.fract_transf_matrix[3][3]   -0.00208408 
_atom_sites.fract_transf_vector[1]      0.416002 
_atom_sites.fract_transf_vector[2]      0.438981 
_atom_sites.fract_transf_vector[3]      -0.012665 
_atom_sites.solution_primary            ? 
_atom_sites.solution_secondary          ? 
_atom_sites.solution_hydrogens          ? 
_atom_sites.special_details             ? 
# 
loop_
_atom_type.symbol 
_atom_type.pdbx_scat_Z 
_atom_type.pdbx_N_electrons 
_atom_type.scat_Cromer_Mann_a1 
_atom_type.scat_Cromer_Mann_b1 
_atom_type.scat_Cromer_Mann_a2 
_atom_type.scat_Cromer_Mann_b2 
_atom_type.scat_Cromer_Mann_a3 
_atom_type.scat_Cromer_Mann_b3 
_atom_type.scat_Cromer_Mann_a4 
_atom_type.scat_Cromer_Mann_b4 
_atom_type.scat_Cromer_Mann_c 
C 6  6  2.3103  20.8439 1.0201 10.2075 1.5888 0.5687  0.8651 51.6512 0.2156   
H 1  1  0.4930  10.5109 0.3229 26.1257 0.1402 3.1424  0.0408 57.7997 0.0030   
N 7  7  12.2220 0.0057  3.1346 9.8933  2.0141 28.9975 1.1672 0.5826  -11.5379 
O 8  8  3.0487  13.2771 2.2870 5.7011  1.5464 0.3239  0.8671 32.9089 0.2508   
P 15 15 6.4348  1.9067  4.1793 27.1570 1.7801 0.5260  1.4909 68.1645 1.1150   
S 16 16 6.9054  1.4679  5.2035 22.2151 1.4379 0.2536  1.5863 56.1720 0.8669   
# 
loop_
_atom_site.group_PDB 
_atom_site.id 
_atom_site.type_symbol 
_atom_site.label_atom_id 
_atom_site.label_alt_id 
_atom_site.label_comp_id 
_atom_site.label_asym_id 
_atom_site.label_entity_id 
_atom_site.label_seq_id 
_atom_site.pdbx_PDB_ins_code 
_atom_site.Cartn_x 
_atom_site.Cartn_y 
_atom_site.Cartn_z 
_atom_site.occupancy 
_atom_site.B_iso_or_equiv 
_atom_site.pdbx_formal_charge 
_atom_site.auth_seq_id 
_atom_site.auth_comp_id 
_atom_site.auth_asym_id 
_atom_site.auth_atom_id 
_atom_site.pdbx_PDB_model_num 
_atom_site.calc_flag 
ATOM   1   O "O5'" . A   A 1 1  ? 7.74680   -17.23872 0.06372   1.000 14.86431 ? 1   A   A "O5'" 1 ? 
ATOM   2   C "C5'" . A   A 1 1  ? 9.14065   -17.00337 -0.06675  1.000 12.54637 ? 1   A   A "C5'" 1 ? 
ATOM   3   C "C4'" . A   A 1 1  ? 9.61018   -17.16052 -1.49071  1.000 10.54243 ? 1   A   A "C4'" 1 ? 
ATOM   4   O "O4'" . A   A 1 1  ? 9.27558   -18.47622 -1.98876  1.000 9.99313  ? 1   A   A "O4'" 1 ? 
ATOM   5   C "C3'" . A   A 1 1  ? 9.00066   -16.21224 -2.50663  1.000 10.94790 ? 1   A   A "C3'" 1 ? 
ATOM   6   O "O3'" . A   A 1 1  ? 9.66701   -14.97392 -2.50257  1.000 12.80659 ? 1   A   A "O3'" 1 ? 
ATOM   7   C "C2'" . A   A 1 1  ? 9.16751   -16.97106 -3.80673  1.000 9.88184  ? 1   A   A "C2'" 1 ? 
ATOM   8   O "O2'" . A   A 1 1  ? 10.52383  -16.91559 -4.23541  1.000 9.40929  ? 1   A   A "O2'" 1 ? 
ATOM   9   C "C1'" . A   A 1 1  ? 8.89838   -18.39273 -3.34148  1.000 8.25145  ? 1   A   A "C1'" 1 ? 
ATOM   10  N N9    . A   A 1 1  ? 7.48699   -18.79514 -3.41788  1.000 7.58122  ? 1   A   A N9    1 ? 
ATOM   11  C C8    . A   A 1 1  ? 6.66541   -19.05943 -2.35404  1.000 8.34904  ? 1   A   A C8    1 ? 
ATOM   12  N N7    . A   A 1 1  ? 5.47339   -19.47820 -2.69559  1.000 9.80849  ? 1   A   A N7    1 ? 
ATOM   13  C C5    . A   A 1 1  ? 5.52683   -19.50830 -4.08055  1.000 6.40520  ? 1   A   A C5    1 ? 
ATOM   14  C C6    . A   A 1 1  ? 4.56494   -19.86893 -5.03919  1.000 5.44142  ? 1   A   A C6    1 ? 
ATOM   15  N N6    . A   A 1 1  ? 3.33825   -20.28521 -4.73288  1.000 7.59874  ? 1   A   A N6    1 ? 
ATOM   16  N N1    . A   A 1 1  ? 4.94001   -19.78694 -6.33436  1.000 7.40201  ? 1   A   A N1    1 ? 
ATOM   17  C C2    . A   A 1 1  ? 6.17624   -19.37003 -6.63498  1.000 6.22397  ? 1   A   A C2    1 ? 
ATOM   18  N N3    . A   A 1 1  ? 7.16357   -18.99718 -5.82922  1.000 8.07920  ? 1   A   A N3    1 ? 
ATOM   19  C C4    . A   A 1 1  ? 6.76666   -19.10281 -4.54741  1.000 7.19216  ? 1   A   A C4    1 ? 
ATOM   20  P P     . G   A 1 2  ? 8.84751   -13.62052 -2.66570  1.000 10.86994 ? 2   G   A P     1 ? 
ATOM   21  O OP1   . G   A 1 2  ? 9.78823   -12.52605 -2.31305  1.000 16.20702 ? 2   G   A OP1   1 ? 
ATOM   22  O OP2   . G   A 1 2  ? 7.52674   -13.76052 -2.02236  1.000 12.41496 ? 2   G   A OP2   1 ? 
ATOM   23  O "O5'" . G   A 1 2  ? 8.57524   -13.53832 -4.22567  1.000 11.07640 ? 2   G   A "O5'" 1 ? 
ATOM   24  C "C5'" . G   A 1 2  ? 9.62806   -13.41381 -5.16061  1.000 9.81457  ? 2   G   A "C5'" 1 ? 
ATOM   25  C "C4'" . G   A 1 2  ? 9.11988   -13.59360 -6.56541  1.000 9.32530  ? 2   G   A "C4'" 1 ? 
ATOM   26  O "O4'" . G   A 1 2  ? 8.73352   -14.97605 -6.77250  1.000 10.39884 ? 2   G   A "O4'" 1 ? 
ATOM   27  C "C3'" . G   A 1 2  ? 7.87011   -12.81509 -6.94297  1.000 9.97864  ? 2   G   A "C3'" 1 ? 
ATOM   28  O "O3'" . G   A 1 2  ? 8.11483   -11.45462 -7.23938  1.000 10.60924 ? 2   G   A "O3'" 1 ? 
ATOM   29  C "C2'" . G   A 1 2  ? 7.34532   -13.61863 -8.12089  1.000 8.78513  ? 2   G   A "C2'" 1 ? 
ATOM   30  O "O2'" . G   A 1 2  ? 8.14581   -13.40547 -9.28117  1.000 9.74613  ? 2   G   A "O2'" 1 ? 
ATOM   31  C "C1'" . G   A 1 2  ? 7.60446   -15.03125 -7.62417  1.000 9.51644  ? 2   G   A "C1'" 1 ? 
ATOM   32  N N9    . G   A 1 2  ? 6.46956   -15.53131 -6.83751  1.000 9.20550  ? 2   G   A N9    1 ? 
ATOM   33  C C8    . G   A 1 2  ? 6.36156   -15.59199 -5.46995  1.000 9.00376  ? 2   G   A C8    1 ? 
ATOM   34  N N7    . G   A 1 2  ? 5.22432   -16.08101 -5.06943  1.000 7.20665  ? 2   G   A N7    1 ? 
ATOM   35  C C5    . G   A 1 2  ? 4.55134   -16.37611 -6.24847  1.000 6.94990  ? 2   G   A C5    1 ? 
ATOM   36  C C6    . G   A 1 2  ? 3.26994   -16.93743 -6.43519  1.000 5.62216  ? 2   G   A C6    1 ? 
ATOM   37  O O6    . G   A 1 2  ? 2.47412   -17.30486 -5.57249  1.000 7.62113  ? 2   G   A O6    1 ? 
ATOM   38  N N1    . G   A 1 2  ? 2.94950   -17.04454 -7.78957  1.000 6.71142  ? 2   G   A N1    1 ? 
ATOM   39  C C2    . G   A 1 2  ? 3.77285   -16.66139 -8.82580  1.000 7.36282  ? 2   G   A C2    1 ? 
ATOM   40  N N2    . G   A 1 2  ? 3.26903   -16.85377 -10.05640 1.000 7.62870  ? 2   G   A N2    1 ? 
ATOM   41  N N3    . G   A 1 2  ? 4.98717   -16.15015 -8.66551  1.000 7.33988  ? 2   G   A N3    1 ? 
ATOM   42  C C4    . G   A 1 2  ? 5.29648   -16.02983 -7.35008  1.000 6.55064  ? 2   G   A C4    1 ? 
ATOM   43  P P     . A   A 1 3  ? 7.02432   -10.33425 -6.87302  1.000 9.89945  ? 3   A   A P     1 ? 
ATOM   44  O OP1   . A   A 1 3  ? 7.64366   -9.03279  -7.22310  1.000 15.24259 ? 3   A   A OP1   1 ? 
ATOM   45  O OP2   . A   A 1 3  ? 6.47872   -10.55362 -5.51659  1.000 12.31404 ? 3   A   A OP2   1 ? 
ATOM   46  O "O5'" . A   A 1 3  ? 5.83760   -10.58744 -7.89766  1.000 8.47598  ? 3   A   A "O5'" 1 ? 
ATOM   47  C "C5'" . A   A 1 3  ? 6.08156   -10.58424 -9.29063  1.000 9.45647  ? 3   A   A "C5'" 1 ? 
ATOM   48  C "C4'" . A   A 1 3  ? 4.92337   -11.19349 -10.03047 1.000 10.21222 ? 3   A   A "C4'" 1 ? 
ATOM   49  O "O4'" . A   A 1 3  ? 4.73151   -12.56797 -9.61730  1.000 9.01269  ? 3   A   A "O4'" 1 ? 
ATOM   50  C "C3'" . A   A 1 3  ? 3.57658   -10.55348 -9.77923  1.000 9.67320  ? 3   A   A "C3'" 1 ? 
ATOM   51  O "O3'" . A   A 1 3  ? 3.40793   -9.37008  -10.51782 1.000 8.65590  ? 3   A   A "O3'" 1 ? 
ATOM   52  C "C2'" . A   A 1 3  ? 2.61685   -11.65703 -10.18166 1.000 8.46509  ? 3   A   A "C2'" 1 ? 
ATOM   53  O "O2'" . A   A 1 3  ? 2.55742   -11.75915 -11.59900 1.000 9.63275  ? 3   A   A "O2'" 1 ? 
ATOM   54  C "C1'" . A   A 1 3  ? 3.35174   -12.87988 -9.63962  1.000 7.86853  ? 3   A   A "C1'" 1 ? 
ATOM   55  N N9    . A   A 1 3  ? 2.94193   -13.22672 -8.26531  1.000 7.70049  ? 3   A   A N9    1 ? 
ATOM   56  C C8    . A   A 1 3  ? 3.58998   -12.96762 -7.07973  1.000 6.79506  ? 3   A   A C8    1 ? 
ATOM   57  N N7    . A   A 1 3  ? 2.96097   -13.41637 -6.02644  1.000 7.49205  ? 3   A   A N7    1 ? 
ATOM   58  C C5    . A   A 1 3  ? 1.82645   -14.02093 -6.55333  1.000 5.56274  ? 3   A   A C5    1 ? 
ATOM   59  C C6    . A   A 1 3  ? 0.74464   -14.70134 -5.96742  1.000 6.18150  ? 3   A   A C6    1 ? 
ATOM   60  N N6    . A   A 1 3  ? 0.61975   -14.91826 -4.65932  1.000 7.23288  ? 3   A   A N6    1 ? 
ATOM   61  N N1    . A   A 1 3  ? -0.21750  -15.17963 -6.79168  1.000 5.43116  ? 3   A   A N1    1 ? 
ATOM   62  C C2    . A   A 1 3  ? -0.10701  -14.97791 -8.11438  1.000 5.69590  ? 3   A   A C2    1 ? 
ATOM   63  N N3    . A   A 1 3  ? 0.86584   -14.35964 -8.78154  1.000 6.55533  ? 3   A   A N3    1 ? 
ATOM   64  C C4    . A   A 1 3  ? 1.79999   -13.89785 -7.92645  1.000 5.84301  ? 3   A   A C4    1 ? 
ATOM   65  P P     . G   A 1 4  ? 2.39106   -8.25372  -9.99991  1.000 10.78163 ? 4   G   A P     1 ? 
ATOM   66  O OP1   . G   A 1 4  ? 2.68662   -7.04907  -10.82202 1.000 13.68638 ? 4   G   A OP1   1 ? 
ATOM   67  O OP2   . G   A 1 4  ? 2.43466   -8.13514  -8.52422  1.000 11.36624 ? 4   G   A OP2   1 ? 
ATOM   68  O "O5'" . G   A 1 4  ? 0.94877   -8.82053  -10.35369 1.000 9.20873  ? 4   G   A "O5'" 1 ? 
ATOM   69  C "C5'" . G   A 1 4  ? 0.52306   -9.00557  -11.69259 1.000 8.49949  ? 4   G   A "C5'" 1 ? 
ATOM   70  C "C4'" . G   A 1 4  ? -0.87207  -9.56452  -11.73133 1.000 7.92446  ? 4   G   A "C4'" 1 ? 
ATOM   71  O "O4'" . G   A 1 4  ? -0.87382  -10.92834 -11.22883 1.000 9.18574  ? 4   G   A "O4'" 1 ? 
ATOM   72  C "C3'" . G   A 1 4  ? -1.88307  -8.85898  -10.84779 1.000 10.51207 ? 4   G   A "C3'" 1 ? 
ATOM   73  O "O3'" . G   A 1 4  ? -2.37092  -7.65303  -11.40250 1.000 12.39387 ? 4   G   A "O3'" 1 ? 
ATOM   74  C "C2'" . G   A 1 4  ? -2.94390  -9.92987  -10.65919 1.000 10.26560 ? 4   G   A "C2'" 1 ? 
ATOM   75  O "O2'" . G   A 1 4  ? -3.70981  -10.08089 -11.84269 1.000 12.86355 ? 4   G   A "O2'" 1 ? 
ATOM   76  C "C1'" . G   A 1 4  ? -2.07021  -11.17032 -10.51344 1.000 10.31138 ? 4   G   A "C1'" 1 ? 
ATOM   77  N N9    . G   A 1 4  ? -1.71700  -11.43054 -9.10808  1.000 7.15344  ? 4   G   A N9    1 ? 
ATOM   78  C C8    . G   A 1 4  ? -0.55003  -11.06992 -8.48623  1.000 6.09183  ? 4   G   A C8    1 ? 
ATOM   79  N N7    . G   A 1 4  ? -0.49715  -11.42884 -7.24180  1.000 8.00360  ? 4   G   A N7    1 ? 
ATOM   80  C C5    . G   A 1 4  ? -1.70833  -12.06688 -7.02088  1.000 6.51601  ? 4   G   A C5    1 ? 
ATOM   81  C C6    . G   A 1 4  ? -2.22017  -12.66995 -5.84672  1.000 7.23214  ? 4   G   A C6    1 ? 
ATOM   82  O O6    . G   A 1 4  ? -1.67912  -12.76076 -4.72987  1.000 8.02146  ? 4   G   A O6    1 ? 
ATOM   83  N N1    . G   A 1 4  ? -3.48800  -13.19775 -6.05594  1.000 6.44159  ? 4   G   A N1    1 ? 
ATOM   84  C C2    . G   A 1 4  ? -4.18249  -13.15151 -7.24353  1.000 7.09308  ? 4   G   A C2    1 ? 
ATOM   85  N N2    . G   A 1 4  ? -5.40415  -13.70700 -7.25658  1.000 8.32134  ? 4   G   A N2    1 ? 
ATOM   86  N N3    . G   A 1 4  ? -3.70593  -12.59202 -8.35119  1.000 9.35382  ? 4   G   A N3    1 ? 
ATOM   87  C C4    . G   A 1 4  ? -2.47901  -12.07547 -8.16294  1.000 8.10822  ? 4   G   A C4    1 ? 
ATOM   88  P P     . A   A 1 5  ? -2.74863  -6.43383  -10.43179 1.000 13.34329 ? 5   A   A P     1 ? 
ATOM   89  O OP1   . A   A 1 5  ? -3.15079  -5.29729  -11.30360 1.000 17.76512 ? 5   A   A OP1   1 ? 
ATOM   90  O OP2   . A   A 1 5  ? -1.69362  -6.21445  -9.42710  1.000 13.75366 ? 5   A   A OP2   1 ? 
ATOM   91  O "O5'" . A   A 1 5  ? -3.99920  -6.98118  -9.61247  1.000 14.61508 ? 5   A   A "O5'" 1 ? 
ATOM   92  C "C5'" . A   A 1 5  ? -5.24336  -7.20919  -10.25132 1.000 13.45445 ? 5   A   A "C5'" 1 ? 
ATOM   93  C "C4'" . A   A 1 5  ? -6.25535  -7.81710  -9.31046  1.000 13.14430 ? 5   A   A "C4'" 1 ? 
ATOM   94  O "O4'" . A   A 1 5  ? -5.81697  -9.13169  -8.87904  1.000 11.31917 ? 5   A   A "O4'" 1 ? 
ATOM   95  C "C3'" . A   A 1 5  ? -6.50640  -7.09053  -8.00017  1.000 13.88860 ? 5   A   A "C3'" 1 ? 
ATOM   96  O "O3'" . A   A 1 5  ? -7.29417  -5.92883  -8.12770  1.000 15.22504 ? 5   A   A "O3'" 1 ? 
ATOM   97  C "C2'" . A   A 1 5  ? -7.14755  -8.17934  -7.15826  1.000 11.75173 ? 5   A   A "C2'" 1 ? 
ATOM   98  O "O2'" . A   A 1 5  ? -8.49565  -8.39801  -7.54785  1.000 12.56490 ? 5   A   A "O2'" 1 ? 
ATOM   99  C "C1'" . A   A 1 5  ? -6.30675  -9.38788  -7.57451  1.000 12.41238 ? 5   A   A "C1'" 1 ? 
ATOM   100 N N9    . A   A 1 5  ? -5.16998  -9.53430  -6.64960  1.000 11.04148 ? 5   A   A N9    1 ? 
ATOM   101 C C8    . A   A 1 5  ? -3.88579  -9.05942  -6.76312  1.000 10.85766 ? 5   A   A C8    1 ? 
ATOM   102 N N7    . A   A 1 5  ? -3.14090  -9.32780  -5.71170  1.000 9.79185  ? 5   A   A N7    1 ? 
ATOM   103 C C5    . A   A 1 5  ? -3.98933  -10.01234 -4.85543  1.000 10.22795 ? 5   A   A C5    1 ? 
ATOM   104 C C6    . A   A 1 5  ? -3.81488  -10.57135 -3.57183  1.000 9.59583  ? 5   A   A C6    1 ? 
ATOM   105 N N6    . A   A 1 5  ? -2.66851  -10.54093 -2.89150  1.000 10.31235 ? 5   A   A N6    1 ? 
ATOM   106 N N1    . A   A 1 5  ? -4.87579  -11.17529 -2.99329  1.000 10.57598 ? 5   A   A N1    1 ? 
ATOM   107 C C2    . A   A 1 5  ? -6.03187  -11.21505 -3.65879  1.000 10.41935 ? 5   A   A C2    1 ? 
ATOM   108 N N3    . A   A 1 5  ? -6.32009  -10.72421 -4.86082  1.000 11.73205 ? 5   A   A N3    1 ? 
ATOM   109 C C4    . A   A 1 5  ? -5.24532  -10.13026 -5.41068  1.000 10.09101 ? 5   A   A C4    1 ? 
ATOM   110 P P     . A   A 1 6  ? -7.04017  -4.70366  -7.12798  1.000 13.83587 ? 6   A   A P     1 ? 
ATOM   111 O OP1   . A   A 1 6  ? -7.83490  -3.56449  -7.65885  1.000 16.80227 ? 6   A   A OP1   1 ? 
ATOM   112 O OP2   . A   A 1 6  ? -5.58217  -4.51781  -6.93484  1.000 16.08414 ? 6   A   A OP2   1 ? 
ATOM   113 O "O5'" . A   A 1 6  ? -7.53913  -5.20544  -5.68877  1.000 15.62548 ? 6   A   A "O5'" 1 ? 
ATOM   114 C "C5'" . A   A 1 6  ? -8.89864  -5.49659  -5.42793  1.000 19.26957 ? 6   A   A "C5'" 1 ? 
ATOM   115 C "C4'" . A   A 1 6  ? -9.10925  -6.20347  -4.10530  1.000 14.50310 ? 6   A   A "C4'" 1 ? 
ATOM   116 O "O4'" . A   A 1 6  ? -8.32010  -7.41634  -4.02569  1.000 12.65174 ? 6   A   A "O4'" 1 ? 
ATOM   117 C "C3'" . A   A 1 6  ? -8.74049  -5.46885  -2.82762  1.000 12.12041 ? 6   A   A "C3'" 1 ? 
ATOM   118 O "O3'" . A   A 1 6  ? -9.66002  -4.45577  -2.47561  1.000 12.41610 ? 6   A   A "O3'" 1 ? 
ATOM   119 C "C2'" . A   A 1 6  ? -8.69584  -6.61198  -1.82495  1.000 15.98214 ? 6   A   A "C2'" 1 ? 
ATOM   120 O "O2'" . A   A 1 6  ? -10.01199 -7.03568  -1.51835  1.000 19.69686 ? 6   A   A "O2'" 1 ? 
ATOM   121 C "C1'" . A   A 1 6  ? -8.03729  -7.70825  -2.66600  1.000 13.01245 ? 6   A   A "C1'" 1 ? 
ATOM   122 N N9    . A   A 1 6  ? -6.57496  -7.73432  -2.46405  1.000 13.22717 ? 6   A   A N9    1 ? 
ATOM   123 C C8    . A   A 1 6  ? -5.60603  -7.23557  -3.29287  1.000 13.55044 ? 6   A   A C8    1 ? 
ATOM   124 N N7    . A   A 1 6  ? -4.38035  -7.38559  -2.83882  1.000 20.08407 ? 6   A   A N7    1 ? 
ATOM   125 C C5    . A   A 1 6  ? -4.54875  -8.02424  -1.61688  1.000 15.41178 ? 6   A   A C5    1 ? 
ATOM   126 C C6    . A   A 1 6  ? -3.63491  -8.47372  -0.62527  1.000 15.05177 ? 6   A   A C6    1 ? 
ATOM   127 N N6    . A   A 1 6  ? -2.30315  -8.34375  -0.70708  1.000 19.00675 ? 6   A   A N6    1 ? 
ATOM   128 N N1    . A   A 1 6  ? -4.14065  -9.07360  0.47812   1.000 10.67215 ? 6   A   A N1    1 ? 
ATOM   129 C C2    . A   A 1 6  ? -5.47048  -9.20713  0.57131   1.000 12.37380 ? 6   A   A C2    1 ? 
ATOM   130 N N3    . A   A 1 6  ? -6.41513  -8.82725  -0.29142  1.000 18.68807 ? 6   A   A N3    1 ? 
ATOM   131 C C4    . A   A 1 6  ? -5.89151  -8.24150  -1.37596  1.000 13.68526 ? 6   A   A C4    1 ? 
ATOM   132 P P     . G   A 1 7  ? -9.14359  -3.16272  -1.68099  1.000 12.98286 ? 7   G   A P     1 ? 
ATOM   133 O OP1   . G   A 1 7  ? -10.27574 -2.20334  -1.64164  1.000 15.36446 ? 7   G   A OP1   1 ? 
ATOM   134 O OP2   . G   A 1 7  ? -7.82880  -2.75854  -2.20769  1.000 15.01750 ? 7   G   A OP2   1 ? 
ATOM   135 O "O5'" . G   A 1 7  ? -8.91317  -3.68730  -0.19894  1.000 12.37172 ? 7   G   A "O5'" 1 ? 
ATOM   136 C "C5'" . G   A 1 7  ? -10.02416 -3.99119  0.62342   1.000 10.04259 ? 7   G   A "C5'" 1 ? 
ATOM   137 C "C4'" . G   A 1 7  ? -9.59686  -4.63936  1.90811   1.000 12.84636 ? 7   G   A "C4'" 1 ? 
ATOM   138 O "O4'" . G   A 1 7  ? -8.81408  -5.82885  1.63616   1.000 10.47229 ? 7   G   A "O4'" 1 ? 
ATOM   139 C "C3'" . G   A 1 7  ? -8.68952  -3.82529  2.80905   1.000 10.18715 ? 7   G   A "C3'" 1 ? 
ATOM   140 O "O3'" . G   A 1 7  ? -9.38215  -2.81002  3.51172   1.000 11.15664 ? 7   G   A "O3'" 1 ? 
ATOM   141 C "C2'" . G   A 1 7  ? -8.10808  -4.90919  3.70073   1.000 10.75188 ? 7   G   A "C2'" 1 ? 
ATOM   142 O "O2'" . G   A 1 7  ? -9.09211  -5.36148  4.61646   1.000 12.83975 ? 7   G   A "O2'" 1 ? 
ATOM   143 C "C1'" . G   A 1 7  ? -7.87467  -6.01619  2.67953   1.000 10.18477 ? 7   G   A "C1'" 1 ? 
ATOM   144 N N9    . G   A 1 7  ? -6.51801  -5.94309  2.11865   1.000 11.19395 ? 7   G   A N9    1 ? 
ATOM   145 C C8    . G   A 1 7  ? -6.12028  -5.48662  0.88720   1.000 11.47198 ? 7   G   A C8    1 ? 
ATOM   146 N N7    . G   A 1 7  ? -4.82434  -5.55626  0.72243   1.000 10.99185 ? 7   G   A N7    1 ? 
ATOM   147 C C5    . G   A 1 7  ? -4.34821  -6.09320  1.91530   1.000 10.48609 ? 7   G   A C5    1 ? 
ATOM   148 C C6    . G   A 1 7  ? -3.02266  -6.41625  2.33925   1.000 10.22196 ? 7   G   A C6    1 ? 
ATOM   149 O O6    . G   A 1 7  ? -1.95053  -6.28895  1.73118   1.000 13.66567 ? 7   G   A O6    1 ? 
ATOM   150 N N1    . G   A 1 7  ? -3.00848  -6.93655  3.62694   1.000 10.33766 ? 7   G   A N1    1 ? 
ATOM   151 C C2    . G   A 1 7  ? -4.11907  -7.12414  4.41483   1.000 9.54252  ? 7   G   A C2    1 ? 
ATOM   152 N N2    . G   A 1 7  ? -3.91297  -7.63713  5.63734   1.000 11.92735 ? 7   G   A N2    1 ? 
ATOM   153 N N3    . G   A 1 7  ? -5.35080  -6.83999  4.02806   1.000 9.57277  ? 7   G   A N3    1 ? 
ATOM   154 C C4    . G   A 1 7  ? -5.38691  -6.33567  2.77975   1.000 10.34364 ? 7   G   A C4    1 ? 
ATOM   155 P P     . A   A 1 8  ? -8.61025  -1.51762  4.07967   1.000 12.64476 ? 8   A   A P     1 ? 
ATOM   156 O OP1   . A   A 1 8  ? -9.67679  -0.61928  4.59802   1.000 13.69021 ? 8   A   A OP1   1 ? 
ATOM   157 O OP2   . A   A 1 8  ? -7.63762  -1.01486  3.09417   1.000 14.84224 ? 8   A   A OP2   1 ? 
ATOM   158 O "O5'" . A   A 1 8  ? -7.80205  -2.06379  5.32928   1.000 13.20000 ? 8   A   A "O5'" 1 ? 
ATOM   159 C "C5'" . A   A 1 8  ? -8.47904  -2.65054  6.42530   1.000 14.54411 ? 8   A   A "C5'" 1 ? 
ATOM   160 C "C4'" . A   A 1 8  ? -7.49872  -3.24543  7.39054   1.000 11.49742 ? 8   A   A "C4'" 1 ? 
ATOM   161 O "O4'" . A   A 1 8  ? -6.73404  -4.28968  6.73653   1.000 13.17135 ? 8   A   A "O4'" 1 ? 
ATOM   162 C "C3'" . A   A 1 8  ? -6.43633  -2.29536  7.91221   1.000 14.22514 ? 8   A   A "C3'" 1 ? 
ATOM   163 O "O3'" . A   A 1 8  ? -6.92101  -1.46284  8.94569   1.000 16.99315 ? 8   A   A "O3'" 1 ? 
ATOM   164 C "C2'" . A   A 1 8  ? -5.33826  -3.25152  8.34768   1.000 14.63245 ? 8   A   A "C2'" 1 ? 
ATOM   165 O "O2'" . A   A 1 8  ? -5.69077  -3.88471  9.57017   1.000 17.71941 ? 8   A   A "O2'" 1 ? 
ATOM   166 C "C1'" . A   A 1 8  ? -5.41287  -4.29777  7.23857   1.000 16.29190 ? 8   A   A "C1'" 1 ? 
ATOM   167 N N9    . A   A 1 8  ? -4.50332  -4.00043  6.11743   1.000 11.97467 ? 8   A   A N9    1 ? 
ATOM   168 C C8    . A   A 1 8  ? -4.82962  -3.45800  4.89924   1.000 11.03813 ? 8   A   A C8    1 ? 
ATOM   169 N N7    . A   A 1 8  ? -3.81060  -3.32807  4.08639   1.000 11.79836 ? 8   A   A N7    1 ? 
ATOM   170 C C5    . A   A 1 8  ? -2.74264  -3.82808  4.82379   1.000 9.70340  ? 8   A   A C5    1 ? 
ATOM   171 C C6    . A   A 1 8  ? -1.37276  -3.97103  4.53252   1.000 9.34436  ? 8   A   A C6    1 ? 
ATOM   172 N N6    . A   A 1 8  ? -0.82777  -3.62138  3.37153   1.000 12.94584 ? 8   A   A N6    1 ? 
ATOM   173 N N1    . A   A 1 8  ? -0.58318  -4.49928  5.48197   1.000 11.86029 ? 8   A   A N1    1 ? 
ATOM   174 C C2    . A   A 1 8  ? -1.13069  -4.85233  6.64621   1.000 12.75125 ? 8   A   A C2    1 ? 
ATOM   175 N N3    . A   A 1 8  ? -2.39563  -4.77642  7.04758   1.000 11.86428 ? 8   A   A N3    1 ? 
ATOM   176 C C4    . A   A 1 8  ? -3.15657  -4.24153  6.07618   1.000 11.87823 ? 8   A   A C4    1 ? 
ATOM   177 P P     . U   A 1 9  ? -6.41646  0.05313   9.06351   1.000 16.55884 ? 9   U   A P     1 ? 
ATOM   178 O OP1   . U   A 1 9  ? -7.31997  0.72376   10.03750  1.000 19.91255 ? 9   U   A OP1   1 ? 
ATOM   179 O OP2   . U   A 1 9  ? -6.22710  0.65093   7.72250   1.000 16.96557 ? 9   U   A OP2   1 ? 
ATOM   180 O "O5'" . U   A 1 9  ? -4.98934  -0.10410  9.72883   1.000 16.54166 ? 9   U   A "O5'" 1 ? 
ATOM   181 C "C5'" . U   A 1 9  ? -4.84271  -0.76829  10.96894  1.000 16.20245 ? 9   U   A "C5'" 1 ? 
ATOM   182 C "C4'" . U   A 1 9  ? -3.41284  -1.16692  11.20306  1.000 17.34265 ? 9   U   A "C4'" 1 ? 
ATOM   183 O "O4'" . U   A 1 9  ? -3.00108  -2.16303  10.22460  1.000 16.79657 ? 9   U   A "O4'" 1 ? 
ATOM   184 C "C3'" . U   A 1 9  ? -2.37776  -0.06804  11.04520  1.000 16.88205 ? 9   U   A "C3'" 1 ? 
ATOM   185 O "O3'" . U   A 1 9  ? -2.31571  0.81501   12.15146  1.000 17.65521 ? 9   U   A "O3'" 1 ? 
ATOM   186 C "C2'" . U   A 1 9  ? -1.10830  -0.87056  10.81283  1.000 16.34058 ? 9   U   A "C2'" 1 ? 
ATOM   187 O "O2'" . U   A 1 9  ? -0.67083  -1.46721  12.02568  1.000 19.63149 ? 9   U   A "O2'" 1 ? 
ATOM   188 C "C1'" . U   A 1 9  ? -1.63537  -1.98257  9.90797   1.000 17.92080 ? 9   U   A "C1'" 1 ? 
ATOM   189 N N1    . U   A 1 9  ? -1.52757  -1.61321  8.47687   1.000 14.79209 ? 9   U   A N1    1 ? 
ATOM   190 C C2    . U   A 1 9  ? -0.29978  -1.78020  7.85987   1.000 11.74327 ? 9   U   A C2    1 ? 
ATOM   191 O O2    . U   A 1 9  ? 0.67351   -2.21809  8.43693   1.000 15.58724 ? 9   U   A O2    1 ? 
ATOM   192 N N3    . U   A 1 9  ? -0.26410  -1.41834  6.53745   1.000 13.11874 ? 9   U   A N3    1 ? 
ATOM   193 C C4    . U   A 1 9  ? -1.30017  -0.91026  5.78828   1.000 13.86094 ? 9   U   A C4    1 ? 
ATOM   194 O O4    . U   A 1 9  ? -1.10757  -0.63119  4.60222   1.000 14.29865 ? 9   U   A O4    1 ? 
ATOM   195 C C5    . U   A 1 9  ? -2.53840  -0.75902  6.49296   1.000 12.55965 ? 9   U   A C5    1 ? 
ATOM   196 C C6    . U   A 1 9  ? -2.60511  -1.11133  7.77881   1.000 12.02314 ? 9   U   A C6    1 ? 
ATOM   197 P P     . C   A 1 10 ? -1.97316  2.36995   11.93243  1.000 18.73884 ? 10  C   A P     1 ? 
ATOM   198 O OP1   . C   A 1 10 ? -2.20519  3.04994   13.23250  1.000 22.55545 ? 10  C   A OP1   1 ? 
ATOM   199 O OP2   . C   A 1 10 ? -2.63882  2.87999   10.70790  1.000 18.87639 ? 10  C   A OP2   1 ? 
ATOM   200 O "O5'" . C   A 1 10 ? -0.40474  2.37437   11.65347  1.000 16.30716 ? 10  C   A "O5'" 1 ? 
ATOM   201 C "C5'" . C   A 1 10 ? 0.50567   1.81714   12.58756  1.000 16.12523 ? 10  C   A "C5'" 1 ? 
ATOM   202 C "C4'" . C   A 1 10 ? 1.88297   1.66649   11.99307  1.000 14.25973 ? 10  C   A "C4'" 1 ? 
ATOM   203 O "O4'" . C   A 1 10 ? 1.85462   0.70172   10.90630  1.000 14.55149 ? 10  C   A "O4'" 1 ? 
ATOM   204 C "C3'" . C   A 1 10 ? 2.48807   2.90802   11.35432  1.000 16.35773 ? 10  C   A "C3'" 1 ? 
ATOM   205 O "O3'" . C   A 1 10 ? 3.01840   3.82384   12.29678  1.000 15.07556 ? 10  C   A "O3'" 1 ? 
ATOM   206 C "C2'" . C   A 1 10 ? 3.53033   2.30770   10.42823  1.000 14.07671 ? 10  C   A "C2'" 1 ? 
ATOM   207 O "O2'" . C   A 1 10 ? 4.64757   1.85118   11.17278  1.000 17.49878 ? 10  C   A "O2'" 1 ? 
ATOM   208 C "C1'" . C   A 1 10 ? 2.78402   1.08177   9.91171   1.000 14.66059 ? 10  C   A "C1'" 1 ? 
ATOM   209 N N1    . C   A 1 10 ? 2.05302   1.37727   8.66017   1.000 11.82765 ? 10  C   A N1    1 ? 
ATOM   210 C C2    . C   A 1 10 ? 2.80419   1.39781   7.48525   1.000 12.35156 ? 10  C   A C2    1 ? 
ATOM   211 O O2    . C   A 1 10 ? 4.01774   1.17542   7.54814   1.000 12.35759 ? 10  C   A O2    1 ? 
ATOM   212 N N3    . C   A 1 10 ? 2.19042   1.65038   6.31562   1.000 11.10990 ? 10  C   A N3    1 ? 
ATOM   213 C C4    . C   A 1 10 ? 0.88388   1.88297   6.28514   1.000 12.01357 ? 10  C   A C4    1 ? 
ATOM   214 N N4    . C   A 1 10 ? 0.34725   2.12555   5.09222   1.000 10.09330 ? 10  C   A N4    1 ? 
ATOM   215 C C5    . C   A 1 10 ? 0.08241   1.87566   7.46993   1.000 11.92050 ? 10  C   A C5    1 ? 
ATOM   216 C C6    . C   A 1 10 ? 0.70233   1.62160   8.63002   1.000 12.92804 ? 10  C   A C6    1 ? 
ATOM   217 P P     . U   A 1 11 ? 2.86266   5.40491   12.06408  1.000 17.77232 ? 11  U   A P     1 ? 
ATOM   218 O OP1   . U   A 1 11 ? 3.47830   6.05981   13.24609  1.000 26.05515 ? 11  U   A OP1   1 ? 
ATOM   219 O OP2   . U   A 1 11 ? 1.48831   5.77591   11.66654  1.000 18.09845 ? 11  U   A OP2   1 ? 
ATOM   220 O "O5'" . U   A 1 11 ? 3.78925   5.69096   10.80666  1.000 14.73407 ? 11  U   A "O5'" 1 ? 
ATOM   221 C "C5'" . U   A 1 11 ? 5.18096   5.49251   10.90181  1.000 13.80211 ? 11  U   A "C5'" 1 ? 
ATOM   222 C "C4'" . U   A 1 11 ? 5.83012   5.43731   9.54892   1.000 13.65349 ? 11  U   A "C4'" 1 ? 
ATOM   223 O "O4'" . U   A 1 11 ? 5.20776   4.42809   8.71458   1.000 11.92537 ? 11  U   A "O4'" 1 ? 
ATOM   224 C "C3'" . U   A 1 11 ? 5.76253   6.68050   8.68469   1.000 15.40564 ? 11  U   A "C3'" 1 ? 
ATOM   225 O "O3'" . U   A 1 11 ? 6.61937   7.71537   9.12716   1.000 12.71100 ? 11  U   A "O3'" 1 ? 
ATOM   226 C "C2'" . U   A 1 11 ? 6.14323   6.11246   7.32541   1.000 14.61941 ? 11  U   A "C2'" 1 ? 
ATOM   227 O "O2'" . U   A 1 11 ? 7.53666   5.84747   7.27878   1.000 20.88237 ? 11  U   A "O2'" 1 ? 
ATOM   228 C "C1'" . U   A 1 11 ? 5.41241   4.76787   7.35982   1.000 13.10091 ? 11  U   A "C1'" 1 ? 
ATOM   229 N N1    . U   A 1 11 ? 4.11625   4.85938   6.67659   1.000 16.81790 ? 11  U   A N1    1 ? 
ATOM   230 C C2    . U   A 1 11 ? 4.21080   4.81609   5.30017   1.000 14.75123 ? 11  U   A C2    1 ? 
ATOM   231 O O2    . U   A 1 11 ? 5.26851   4.69645   4.70807   1.000 19.45090 ? 11  U   A O2    1 ? 
ATOM   232 N N3    . U   A 1 11 ? 3.03094   4.91164   4.65379   1.000 13.67900 ? 11  U   A N3    1 ? 
ATOM   233 C C4    . U   A 1 11 ? 1.78410   5.05765   5.22704   1.000 14.75963 ? 11  U   A C4    1 ? 
ATOM   234 O O4    . U   A 1 11 ? 0.80525   5.12968   4.48306   1.000 22.58002 ? 11  U   A O4    1 ? 
ATOM   235 C C5    . U   A 1 11 ? 1.77022   5.10588   6.65629   1.000 21.16332 ? 11  U   A C5    1 ? 
ATOM   236 C C6    . U   A 1 11 ? 2.92097   5.01058   7.32505   1.000 13.77764 ? 11  U   A C6    1 ? 
HETATM 237 P P     . SUR A 1 12 ? 6.30450   9.25057   8.76961   1.000 13.50800 ? 12  SUR A P     1 ? 
HETATM 238 O OP1   . SUR A 1 12 ? 7.12094   10.08324  9.72527   1.000 14.91695 ? 12  SUR A OP1   1 ? 
HETATM 239 O OP2   . SUR A 1 12 ? 4.82031   9.46778   8.64180   1.000 14.60534 ? 12  SUR A OP2   1 ? 
HETATM 240 O "O5'" . SUR A 1 12 ? 6.91722   9.44090   7.32105   1.000 10.72124 ? 12  SUR A "O5'" 1 ? 
HETATM 241 C "C5'" . SUR A 1 12 ? 8.30131   9.27108   7.08754   1.000 10.02274 ? 12  SUR A "C5'" 1 ? 
HETATM 242 C "C4'" . SUR A 1 12 ? 8.61100   9.53963   5.64396   1.000 10.53434 ? 12  SUR A "C4'" 1 ? 
HETATM 243 O "O4'" . SUR A 1 12 ? 8.04440   8.48261   4.82924   1.000 11.10526 ? 12  SUR A "O4'" 1 ? 
HETATM 244 C "C3'" . SUR A 1 12 ? 7.98912   10.79521  5.06517   1.000 11.42324 ? 12  SUR A "C3'" 1 ? 
HETATM 245 C "C1'" . SUR A 1 12 ? 7.63081   9.01338   3.59012   1.000 11.79597 ? 12  SUR A "C1'" 1 ? 
HETATM 246 N N1    . SUR A 1 12 ? 6.18324   8.77692   3.46507   1.000 9.90843  ? 12  SUR A N1    1 ? 
HETATM 247 C "C2'" . SUR A 1 12 ? 7.99286   10.49209  3.58086   1.000 11.49322 ? 12  SUR A "C2'" 1 ? 
HETATM 248 C C6    . SUR A 1 12 ? 5.41879   8.48632   4.64751   1.000 12.30664 ? 12  SUR A C6    1 ? 
HETATM 249 C C2    . SUR A 1 12 ? 5.54689   8.78706   2.12225   1.000 11.85700 ? 12  SUR A C2    1 ? 
HETATM 250 C C5    . SUR A 1 12 ? 3.97925   8.21370   4.53298   1.000 11.41530 ? 12  SUR A C5    1 ? 
HETATM 251 S S2    . SUR A 1 12 ? 6.38959   9.10514   0.79857   1.000 12.60418 ? 12  SUR A S2    1 ? 
HETATM 252 N N3    . SUR A 1 12 ? 4.09787   8.50506   2.00715   1.000 9.73503  ? 12  SUR A N3    1 ? 
HETATM 253 C C4    . SUR A 1 12 ? 3.32633   8.21566   3.20331   1.000 11.71396 ? 12  SUR A C4    1 ? 
HETATM 254 O O4    . SUR A 1 12 ? 2.16901   7.99506   3.11198   1.000 11.61641 ? 12  SUR A O4    1 ? 
HETATM 255 O "O2'" . SUR A 1 12 ? 9.31152   10.58965  3.07386   1.000 11.12801 ? 12  SUR A "O2'" 1 ? 
HETATM 256 O "O3'" . SUR A 1 12 ? 8.69912   11.96944  5.39794   1.000 8.99510  ? 12  SUR A "O3'" 1 ? 
ATOM   257 P P     . C   A 1 13 ? 7.91526   13.34686  5.59090   1.000 10.71770 ? 13  C   A P     1 ? 
ATOM   258 O OP1   . C   A 1 13 ? 8.92693   14.33274  6.06937   1.000 13.62062 ? 13  C   A OP1   1 ? 
ATOM   259 O OP2   . C   A 1 13 ? 6.67827   13.10719  6.37451   1.000 11.53576 ? 13  C   A OP2   1 ? 
ATOM   260 O "O5'" . C   A 1 13 ? 7.43513   13.74004  4.12335   1.000 10.48301 ? 13  C   A "O5'" 1 ? 
ATOM   261 C "C5'" . C   A 1 13 ? 8.37120   14.13255  3.14150   1.000 10.06669 ? 13  C   A "C5'" 1 ? 
ATOM   262 C "C4'" . C   A 1 13 ? 7.74389   14.22717  1.77615   1.000 10.44516 ? 13  C   A "C4'" 1 ? 
ATOM   263 O "O4'" . C   A 1 13 ? 7.19095   12.94588  1.38503   1.000 10.38355 ? 13  C   A "O4'" 1 ? 
ATOM   264 C "C3'" . C   A 1 13 ? 6.57151   15.18019  1.59918   1.000 9.29422  ? 13  C   A "C3'" 1 ? 
ATOM   265 O "O3'" . C   A 1 13 ? 6.95733   16.53870  1.52008   1.000 9.06954  ? 13  C   A "O3'" 1 ? 
ATOM   266 C "C2'" . C   A 1 13 ? 5.96282   14.66194  0.30626   1.000 6.81699  ? 13  C   A "C2'" 1 ? 
ATOM   267 O "O2'" . C   A 1 13 ? 6.77585   15.01675  -0.80492  1.000 10.06780 ? 13  C   A "O2'" 1 ? 
ATOM   268 C "C1'" . C   A 1 13 ? 6.10357   13.15621  0.50747   1.000 9.47990  ? 13  C   A "C1'" 1 ? 
ATOM   269 N N1    . C   A 1 13 ? 4.88056   12.57760  1.09820   1.000 7.74523  ? 13  C   A N1    1 ? 
ATOM   270 C C2    . C   A 1 13 ? 3.81561   12.34436  0.22367   1.000 7.18794  ? 13  C   A C2    1 ? 
ATOM   271 O O2    . C   A 1 13 ? 3.96290   12.63010  -0.97660  1.000 8.86179  ? 13  C   A O2    1 ? 
ATOM   272 N N3    . C   A 1 13 ? 2.67250   11.81630  0.71041   1.000 8.00696  ? 13  C   A N3    1 ? 
ATOM   273 C C4    . C   A 1 13 ? 2.56867   11.52300  2.00739   1.000 9.87717  ? 13  C   A C4    1 ? 
ATOM   274 N N4    . C   A 1 13 ? 1.41157   11.00107  2.43366   1.000 9.63573  ? 13  C   A N4    1 ? 
ATOM   275 C C5    . C   A 1 13 ? 3.63909   11.76875  2.92629   1.000 7.65518  ? 13  C   A C5    1 ? 
ATOM   276 C C6    . C   A 1 13 ? 4.77173   12.28691  2.43187   1.000 9.71748  ? 13  C   A C6    1 ? 
ATOM   277 P P     . U   A 1 14 ? 6.00086   17.70583  2.07231   1.000 9.03735  ? 14  U   A P     1 ? 
ATOM   278 O OP1   . U   A 1 14 ? 6.78918   18.96514  1.99389   1.000 11.58851 ? 14  U   A OP1   1 ? 
ATOM   279 O OP2   . U   A 1 14 ? 5.40435   17.27870  3.35756   1.000 11.29244 ? 14  U   A OP2   1 ? 
ATOM   280 O "O5'" . U   A 1 14 ? 4.80621   17.80117  1.02922   1.000 8.42428  ? 14  U   A "O5'" 1 ? 
ATOM   281 C "C5'" . U   A 1 14 ? 5.05288   18.27779  -0.28041  1.000 7.89864  ? 14  U   A "C5'" 1 ? 
ATOM   282 C "C4'" . U   A 1 14 ? 3.90434   17.97515  -1.20434  1.000 8.28604  ? 14  U   A "C4'" 1 ? 
ATOM   283 O "O4'" . U   A 1 14 ? 3.60498   16.55792  -1.18621  1.000 8.05101  ? 14  U   A "O4'" 1 ? 
ATOM   284 C "C3'" . U   A 1 14 ? 2.57226   18.62650  -0.87597  1.000 7.02364  ? 14  U   A "C3'" 1 ? 
ATOM   285 O "O3'" . U   A 1 14 ? 2.52392   19.97138  -1.29547  1.000 7.74535  ? 14  U   A "O3'" 1 ? 
ATOM   286 C "C2'" . U   A 1 14 ? 1.60352   17.73488  -1.62651  1.000 6.62637  ? 14  U   A "C2'" 1 ? 
ATOM   287 O "O2'" . U   A 1 14 ? 1.71123   17.98660  -3.01676  1.000 8.74800  ? 14  U   A "O2'" 1 ? 
ATOM   288 C "C1'" . U   A 1 14 ? 2.21743   16.36587  -1.36885  1.000 7.78964  ? 14  U   A "C1'" 1 ? 
ATOM   289 N N1    . U   A 1 14 ? 1.67408   15.70728  -0.15968  1.000 6.27499  ? 14  U   A N1    1 ? 
ATOM   290 C C2    . U   A 1 14 ? 0.44217   15.09410  -0.27449  1.000 5.64238  ? 14  U   A C2    1 ? 
ATOM   291 O O2    . U   A 1 14 ? -0.19211  15.12338  -1.30269  1.000 6.11654  ? 14  U   A O2    1 ? 
ATOM   292 N N3    . U   A 1 14 ? -0.01074  14.46230  0.84833   1.000 7.56067  ? 14  U   A N3    1 ? 
ATOM   293 C C4    . U   A 1 14 ? 0.64776   14.38613  2.05625   1.000 6.88578  ? 14  U   A C4    1 ? 
ATOM   294 O O4    . U   A 1 14 ? 0.12340   13.79263  2.99978   1.000 8.68455  ? 14  U   A O4    1 ? 
ATOM   295 C C5    . U   A 1 14 ? 1.92339   15.04216  2.09953   1.000 6.46001  ? 14  U   A C5    1 ? 
ATOM   296 C C6    . U   A 1 14 ? 2.38568   15.66239  1.01236   1.000 6.08962  ? 14  U   A C6    1 ? 
ATOM   297 P P     . C   A 1 15 ? 1.52944   21.02186  -0.61333  1.000 8.84252  ? 15  C   A P     1 ? 
ATOM   298 O OP1   . C   A 1 15 ? 1.95820   22.36011  -1.11662  1.000 10.34890 ? 15  C   A OP1   1 ? 
ATOM   299 O OP2   . C   A 1 15 ? 1.45355   20.76412  0.84725   1.000 11.25474 ? 15  C   A OP2   1 ? 
ATOM   300 O "O5'" . C   A 1 15 ? 0.09414   20.68069  -1.20538  1.000 8.84461  ? 15  C   A "O5'" 1 ? 
ATOM   301 C "C5'" . C   A 1 15 ? -0.19126  20.82097  -2.58670  1.000 7.29120  ? 15  C   A "C5'" 1 ? 
ATOM   302 C "C4'" . C   A 1 15 ? -1.53605  20.23062  -2.91944  1.000 7.68982  ? 15  C   A "C4'" 1 ? 
ATOM   303 O "O4'" . C   A 1 15 ? -1.53861  18.81322  -2.61832  1.000 9.23794  ? 15  C   A "O4'" 1 ? 
ATOM   304 C "C3'" . C   A 1 15 ? -2.70834  20.76909  -2.12265  1.000 8.55978  ? 15  C   A "C3'" 1 ? 
ATOM   305 O "O3'" . C   A 1 15 ? -3.16817  22.00847  -2.61236  1.000 8.82404  ? 15  C   A "O3'" 1 ? 
ATOM   306 C "C2'" . C   A 1 15 ? -3.72259  19.64714  -2.24259  1.000 8.09852  ? 15  C   A "C2'" 1 ? 
ATOM   307 O "O2'" . C   A 1 15 ? -4.30354  19.63730  -3.54489  1.000 9.96314  ? 15  C   A "O2'" 1 ? 
ATOM   308 C "C1'" . C   A 1 15 ? -2.81109  18.43195  -2.14019  1.000 7.83703  ? 15  C   A "C1'" 1 ? 
ATOM   309 N N1    . C   A 1 15 ? -2.64026  17.92802  -0.76031  1.000 6.12284  ? 15  C   A N1    1 ? 
ATOM   310 C C2    . C   A 1 15 ? -3.63508  17.12859  -0.20874  1.000 6.60933  ? 15  C   A C2    1 ? 
ATOM   311 O O2    . C   A 1 15 ? -4.66567  16.93451  -0.87678  1.000 6.97409  ? 15  C   A O2    1 ? 
ATOM   312 N N3    . C   A 1 15 ? -3.44188  16.61183  1.03110   1.000 5.94893  ? 15  C   A N3    1 ? 
ATOM   313 C C4    . C   A 1 15 ? -2.32022  16.86483  1.71283   1.000 7.39642  ? 15  C   A C4    1 ? 
ATOM   314 N N4    . C   A 1 15 ? -2.15889  16.34606  2.93463   1.000 7.15298  ? 15  C   A N4    1 ? 
ATOM   315 C C5    . C   A 1 15 ? -1.28868  17.67160  1.16509   1.000 6.56836  ? 15  C   A C5    1 ? 
ATOM   316 C C6    . C   A 1 15 ? -1.48509  18.16289  -0.06104  1.000 8.00038  ? 15  C   A C6    1 ? 
ATOM   317 P P     . U   A 1 16 ? -3.71692  23.11586  -1.59450  1.000 9.41194  ? 16  U   A P     1 ? 
ATOM   318 O OP1   . U   A 1 16 ? -4.02710  24.28879  -2.46150  1.000 11.76006 ? 16  U   A OP1   1 ? 
ATOM   319 O OP2   . U   A 1 16 ? -2.80241  23.26539  -0.44279  1.000 11.11050 ? 16  U   A OP2   1 ? 
ATOM   320 O "O5'" . U   A 1 16 ? -5.07441  22.51246  -1.01280  1.000 8.59078  ? 16  U   A "O5'" 1 ? 
ATOM   321 C "C5'" . U   A 1 16 ? -6.19751  22.32971  -1.86757  1.000 9.21658  ? 16  U   A "C5'" 1 ? 
ATOM   322 C "C4'" . U   A 1 16 ? -7.28614  21.52501  -1.20463  1.000 7.95987  ? 16  U   A "C4'" 1 ? 
ATOM   323 O "O4'" . U   A 1 16 ? -6.81205  20.18665  -0.89818  1.000 6.48359  ? 16  U   A "O4'" 1 ? 
ATOM   324 C "C3'" . U   A 1 16 ? -7.78431  22.05192  0.12865   1.000 7.64971  ? 16  U   A "C3'" 1 ? 
ATOM   325 O "O3'" . U   A 1 16 ? -8.70859  23.11502  -0.01048  1.000 9.99295  ? 16  U   A "O3'" 1 ? 
ATOM   326 C "C2'" . U   A 1 16 ? -8.38520  20.81159  0.76600   1.000 7.26994  ? 16  U   A "C2'" 1 ? 
ATOM   327 O "O2'" . U   A 1 16 ? -9.66667  20.53973  0.20184   1.000 8.68841  ? 16  U   A "O2'" 1 ? 
ATOM   328 C "C1'" . U   A 1 16 ? -7.40844  19.73388  0.30033   1.000 7.95168  ? 16  U   A "C1'" 1 ? 
ATOM   329 N N1    . U   A 1 16 ? -6.34476  19.48747  1.30200   1.000 5.80538  ? 16  U   A N1    1 ? 
ATOM   330 C C2    . U   A 1 16 ? -6.66478  18.63026  2.33611   1.000 6.81040  ? 16  U   A C2    1 ? 
ATOM   331 O O2    . U   A 1 16 ? -7.76466  18.11218  2.42249   1.000 8.23164  ? 16  U   A O2    1 ? 
ATOM   332 N N3    . U   A 1 16 ? -5.65456  18.41843  3.24492   1.000 6.38119  ? 16  U   A N3    1 ? 
ATOM   333 C C4    . U   A 1 16 ? -4.39408  18.97504  3.22593   1.000 5.07529  ? 16  U   A C4    1 ? 
ATOM   334 O O4    . U   A 1 16 ? -3.59265  18.70865  4.12652   1.000 7.47304  ? 16  U   A O4    1 ? 
ATOM   335 C C5    . U   A 1 16 ? -4.14357  19.86949  2.12866   1.000 6.26162  ? 16  U   A C5    1 ? 
ATOM   336 C C6    . U   A 1 16 ? -5.10387  20.08600  1.22073   1.000 5.70270  ? 16  U   A C6    1 ? 
HETATM 337 O O     . HOH B 2 .  ? -8.51583  -9.01795  0.34294   1.000 24.19295 ? 101 HOH A O     1 ? 
HETATM 338 O O     . HOH B 2 .  ? 7.31298   5.11974   3.98088   1.000 23.83460 ? 102 HOH A O     1 ? 
HETATM 339 O O     . HOH B 2 .  ? 1.87129   -3.94937  9.37299   0.500 18.82099 ? 103 HOH A O     1 ? 
HETATM 340 O O     . HOH B 2 .  ? 6.26141   -15.04424 -0.46584  1.000 21.92875 ? 104 HOH A O     1 ? 
HETATM 341 O O     . HOH B 2 .  ? 6.48159   -18.64566 1.62259   1.000 26.38399 ? 105 HOH A O     1 ? 
HETATM 342 O O     . HOH B 2 .  ? 0.28409   13.70661  5.49033   1.000 15.58135 ? 106 HOH A O     1 ? 
HETATM 343 O O     . HOH B 2 .  ? 9.36107   15.13268  8.45349   1.000 16.41439 ? 107 HOH A O     1 ? 
HETATM 344 O O     . HOH B 2 .  ? -1.16045  5.58896   6.04612   1.000 32.06596 ? 108 HOH A O     1 ? 
HETATM 345 O O     . HOH B 2 .  ? 3.23221   18.31329  4.24051   1.000 22.35766 ? 109 HOH A O     1 ? 
HETATM 346 O O     . HOH B 2 .  ? 11.68274  -17.24630 -6.49887  1.000 23.29248 ? 110 HOH A O     1 ? 
HETATM 347 O O     . HOH B 2 .  ? 7.35289   20.96029  3.50518   1.000 20.41690 ? 111 HOH A O     1 ? 
HETATM 348 O O     . HOH B 2 .  ? -0.22977  8.00551   4.07261   1.000 18.00240 ? 112 HOH A O     1 ? 
HETATM 349 O O     . HOH B 2 .  ? 10.09894  -10.06123 -3.03336  1.000 16.21727 ? 113 HOH A O     1 ? 
HETATM 350 O O     . HOH B 2 .  ? -0.81202  -8.27407  -5.17649  1.000 22.20879 ? 114 HOH A O     1 ? 
HETATM 351 O O     . HOH B 2 .  ? 3.17696   -12.34975 -3.65174  1.000 7.18474  ? 115 HOH A O     1 ? 
HETATM 352 O O     . HOH B 2 .  ? -9.74567  23.99841  2.23428   1.000 15.83340 ? 116 HOH A O     1 ? 
HETATM 353 O O     . HOH B 2 .  ? -1.20640  19.68966  4.68542   1.000 16.60349 ? 117 HOH A O     1 ? 
HETATM 354 O O     . HOH B 2 .  ? -0.15819  -7.41315  -7.62440  1.000 20.87587 ? 118 HOH A O     1 ? 
HETATM 355 O O     . HOH B 2 .  ? 0.54759   -11.72852 -3.68888  1.000 12.58355 ? 119 HOH A O     1 ? 
HETATM 356 O O     . HOH B 2 .  ? -3.34489  -4.28081  -1.09812  1.000 21.43874 ? 120 HOH A O     1 ? 
HETATM 357 O O     . HOH B 2 .  ? -4.83395  24.10217  -5.01231  1.000 22.75031 ? 121 HOH A O     1 ? 
HETATM 358 O O     . HOH B 2 .  ? 2.63932   8.52196   7.39044   1.000 19.53818 ? 122 HOH A O     1 ? 
HETATM 359 O O     . HOH B 2 .  ? 9.94524   11.62173  0.66701   1.000 17.96210 ? 123 HOH A O     1 ? 
HETATM 360 O O     . HOH B 2 .  ? 9.38632   -18.58193 -7.31127  1.000 15.96777 ? 124 HOH A O     1 ? 
HETATM 361 O O     . HOH B 2 .  ? -3.65152  24.89555  1.56474   1.000 24.16237 ? 125 HOH A O     1 ? 
HETATM 362 O O     . HOH B 2 .  ? 1.71667   -9.79071  -6.48267  1.000 14.81374 ? 126 HOH A O     1 ? 
HETATM 363 O O     . HOH B 2 .  ? 6.38951   -15.47327 -10.90785 1.000 18.47459 ? 127 HOH A O     1 ? 
HETATM 364 O O     . HOH B 2 .  ? 8.30235   17.25701  -1.19988  0.330 9.81530  ? 128 HOH A O     1 ? 
HETATM 365 O O     . HOH B 2 .  ? 4.98749   -15.70693 -2.36519  1.000 16.54992 ? 129 HOH A O     1 ? 
HETATM 366 O O     . HOH B 2 .  ? -10.50620 18.11529  2.41732   1.000 22.09217 ? 130 HOH A O     1 ? 
HETATM 367 O O     . HOH B 2 .  ? 3.77573   -10.38680 -13.64497 1.000 20.51181 ? 131 HOH A O     1 ? 
HETATM 368 O O     . HOH B 2 .  ? -2.57859  -6.06853  9.47410   1.000 24.22365 ? 132 HOH A O     1 ? 
HETATM 369 O O     . HOH B 2 .  ? 4.33712   11.65088  6.60418   1.000 17.01733 ? 133 HOH A O     1 ? 
HETATM 370 O O     . HOH B 2 .  ? -4.77210  -8.44396  -13.82544 1.000 22.40715 ? 134 HOH A O     1 ? 
HETATM 371 O O     . HOH B 2 .  ? 2.09209   -17.58195 -2.82464  1.000 14.76053 ? 135 HOH A O     1 ? 
HETATM 372 O O     . HOH B 2 .  ? 1.72585   -2.80876  11.54637  1.000 21.98004 ? 136 HOH A O     1 ? 
HETATM 373 O O     . HOH B 2 .  ? -0.27596  24.29558  -1.02456  1.000 20.81688 ? 137 HOH A O     1 ? 
HETATM 374 O O     . HOH B 2 .  ? -1.46172  21.97476  1.64073   1.000 17.03918 ? 138 HOH A O     1 ? 
HETATM 375 O O     . HOH B 2 .  ? -8.15511  -1.14236  -4.47177  1.000 18.22756 ? 139 HOH A O     1 ? 
HETATM 376 O O     . HOH B 2 .  ? -5.29560  -3.91539  -2.53068  1.000 26.39889 ? 140 HOH A O     1 ? 
HETATM 377 O O     . HOH B 2 .  ? -5.54237  0.36994   5.00837   1.000 20.87283 ? 141 HOH A O     1 ? 
HETATM 378 O O     . HOH B 2 .  ? 6.56895   1.27246   9.19966   1.000 21.88753 ? 142 HOH A O     1 ? 
HETATM 379 O O     . HOH B 2 .  ? 0.68358   -14.05759 -11.57915 1.000 13.25099 ? 143 HOH A O     1 ? 
HETATM 380 O O     . HOH B 2 .  ? 7.48304   -9.10520  -3.30866  1.000 19.23048 ? 144 HOH A O     1 ? 
HETATM 381 O O     . HOH B 2 .  ? -4.27901  -14.06975 -10.69421 1.000 15.11809 ? 145 HOH A O     1 ? 
HETATM 382 O O     . HOH B 2 .  ? 7.09316   17.84926  5.57303   1.000 12.57889 ? 146 HOH A O     1 ? 
HETATM 383 O O     . HOH B 2 .  ? 5.54282   -12.25213 -3.39219  1.000 18.19102 ? 147 HOH A O     1 ? 
HETATM 384 O O     . HOH B 2 .  ? -2.96009  -5.62580  -6.69530  1.000 26.02205 ? 148 HOH A O     1 ? 
HETATM 385 O O     . HOH B 2 .  ? -9.11868  -10.56423 -5.48581  1.000 18.11487 ? 149 HOH A O     1 ? 
HETATM 386 O O     . HOH B 2 .  ? -12.19857 -8.80051  -2.12465  0.330 12.89107 ? 150 HOH A O     1 ? 
HETATM 387 O O     . HOH B 2 .  ? -6.23929  -1.22710  -8.19532  1.000 24.48796 ? 151 HOH A O     1 ? 
HETATM 388 O O     . HOH B 2 .  ? 8.05300   3.06178   7.85177   1.000 23.50055 ? 152 HOH A O     1 ? 
HETATM 389 O O     . HOH B 2 .  ? 4.45481   15.02103  4.90904   1.000 19.12061 ? 153 HOH A O     1 ? 
HETATM 390 O O     . HOH B 2 .  ? -12.88585 -2.76651  -0.49905  0.330 17.10229 ? 154 HOH A O     1 ? 
HETATM 391 O O     . HOH B 2 .  ? 0.12283   17.22562  4.50873   1.000 16.77762 ? 155 HOH A O     1 ? 
HETATM 392 O O     . HOH B 2 .  ? 3.74158   -10.08749 -4.64002  1.000 15.25365 ? 156 HOH A O     1 ? 
HETATM 393 O O     . HOH B 2 .  ? 9.11896   -8.63682  -9.70658  1.000 24.00348 ? 157 HOH A O     1 ? 
HETATM 394 O O     . HOH B 2 .  ? 7.97875   20.09780  -0.43476  0.330 11.06413 ? 158 HOH A O     1 ? 
HETATM 395 O O     . HOH B 2 .  ? -4.00934  -4.93723  11.74276  1.000 28.39176 ? 159 HOH A O     1 ? 
HETATM 396 O O     . HOH B 2 .  ? 5.51408   -6.13534  -10.71771 1.000 21.43286 ? 160 HOH A O     1 ? 
HETATM 397 O O     . HOH B 2 .  ? -12.57281 -5.50830  -1.23793  0.330 13.69271 ? 161 HOH A O     1 ? 
HETATM 398 O O     . HOH B 2 .  ? -1.80886  -6.45408  -4.10288  1.000 29.42616 ? 162 HOH A O     1 ? 
HETATM 399 O O     . HOH B 2 .  ? 2.52277   -14.42858 -2.37478  1.000 19.42931 ? 163 HOH A O     1 ? 
HETATM 400 O O     . HOH B 2 .  ? -2.57758  2.84767   4.95602   1.000 22.43553 ? 164 HOH A O     1 ? 
HETATM 401 O O     . HOH B 2 .  ? -7.78732  -3.26763  -10.68332 1.000 19.72519 ? 165 HOH A O     1 ? 
HETATM 402 O O     . HOH B 2 .  ? 1.98602   -21.18266 -2.13362  1.000 20.12510 ? 166 HOH A O     1 ? 
HETATM 403 O O     . HOH B 2 .  ? -11.33765 0.00990   7.15797   1.000 24.82128 ? 167 HOH A O     1 ? 
HETATM 404 O O     . HOH B 2 .  ? 1.42964   10.83270  5.58933   1.000 23.42735 ? 168 HOH A O     1 ? 
HETATM 405 O O     . HOH B 2 .  ? -10.53992 -10.16553 -0.88774  1.000 19.31245 ? 169 HOH A O     1 ? 
HETATM 406 O O     . HOH B 2 .  ? -2.59187  22.47556  -6.11853  1.000 25.01181 ? 170 HOH A O     1 ? 
HETATM 407 O O     . HOH B 2 .  ? 4.03160   -2.54944  9.68520   1.000 25.30655 ? 171 HOH A O     1 ? 
HETATM 408 O O     . HOH B 2 .  ? -6.91630  25.45073  -4.41151  1.000 22.77039 ? 172 HOH A O     1 ? 
HETATM 409 O O     . HOH B 2 .  ? 7.22351   -16.70569 3.68220   1.000 32.07880 ? 173 HOH A O     1 ? 
HETATM 410 O O     . HOH B 2 .  ? -1.85091  -8.81561  -15.26074 1.000 25.51695 ? 174 HOH A O     1 ? 
HETATM 411 O O     . HOH B 2 .  ? -8.14012  3.37720   2.80429   1.000 20.16162 ? 175 HOH A O     1 ? 
HETATM 412 O O     . HOH B 2 .  ? -6.19792  3.14090   3.89842   1.000 23.05547 ? 176 HOH A O     1 ? 
HETATM 413 O O     . HOH B 2 .  ? -6.33701  4.64659   5.67423   1.000 21.24601 ? 177 HOH A O     1 ? 
HETATM 414 O O     . HOH B 2 .  ? -3.51066  7.11614   4.71406   1.000 23.67204 ? 178 HOH A O     1 ? 
# 
